data_4I1M
#
_entry.id   4I1M
#
_cell.length_a   152.700
_cell.length_b   152.700
_cell.length_c   129.500
_cell.angle_alpha   90.000
_cell.angle_beta   90.000
_cell.angle_gamma   90.000
#
_symmetry.space_group_name_H-M   'P 42 21 2'
#
loop_
_entity.id
_entity.type
_entity.pdbx_description
1 polymer LepB
2 non-polymer DI(HYDROXYETHYL)ETHER
3 water water
#
_entity_poly.entity_id   1
_entity_poly.type   'polypeptide(L)'
_entity_poly.pdbx_seq_one_letter_code
;EELYQSILELKPLTLLMTSSTSFSETINQWADILKTTDMEKFSFDSNPINLLELVKQFNLYVDELAITCEANNVWAKERI
DSTPNLFALYDNSGGEAIHGHAFVPYYKESIVLRRLFTVDPNTFNLSRFAAFEGPCQLYCAAHADSAWVKIQTLLTLGNG
IINTLKIIKQAQAFGIDEAVTENLKALKEQFIAFQLAEADIKESLKAPSFAEPLPNKESEFFYPIDEKALAKMNGYQLAT
ICLEELNSPKPSPLIERILSNKKFWKRINSAFESGVFKGRTDDPAGKIAKIREWHQLLQISG
;
_entity_poly.pdbx_strand_id   A,B,C
#
loop_
_chem_comp.id
_chem_comp.type
_chem_comp.name
_chem_comp.formula
PEG non-polymer DI(HYDROXYETHYL)ETHER 'C4 H10 O3'
#
# COMPACT_ATOMS: atom_id res chain seq x y z
N SER A 6 -42.86 20.05 -8.52
CA SER A 6 -41.76 20.79 -7.92
C SER A 6 -40.42 20.23 -8.38
N ILE A 7 -39.82 19.39 -7.54
CA ILE A 7 -38.56 18.74 -7.88
C ILE A 7 -38.70 18.00 -9.20
N LEU A 8 -39.94 17.65 -9.54
CA LEU A 8 -40.24 16.93 -10.77
C LEU A 8 -39.59 17.55 -11.99
N GLU A 9 -39.58 18.88 -12.05
CA GLU A 9 -38.94 19.57 -13.17
C GLU A 9 -37.52 19.97 -12.80
N LEU A 10 -36.57 19.13 -13.18
CA LEU A 10 -35.17 19.30 -12.81
C LEU A 10 -34.43 20.29 -13.69
N LYS A 11 -33.52 21.03 -13.08
CA LYS A 11 -32.64 21.93 -13.81
C LYS A 11 -31.55 21.11 -14.47
N PRO A 12 -30.80 21.72 -15.41
CA PRO A 12 -29.76 20.97 -16.12
C PRO A 12 -28.62 20.55 -15.21
N LEU A 13 -28.11 19.34 -15.44
CA LEU A 13 -26.92 18.89 -14.74
C LEU A 13 -25.72 19.71 -15.20
N THR A 14 -24.79 19.92 -14.28
CA THR A 14 -23.61 20.74 -14.53
C THR A 14 -22.40 20.14 -13.82
N LEU A 15 -21.22 20.39 -14.36
CA LEU A 15 -19.98 20.00 -13.71
C LEU A 15 -19.18 21.26 -13.37
N LEU A 16 -18.91 21.46 -12.09
CA LEU A 16 -18.24 22.67 -11.62
C LEU A 16 -16.80 22.39 -11.20
N MET A 17 -16.04 23.45 -10.98
CA MET A 17 -14.63 23.33 -10.63
C MET A 17 -14.32 23.97 -9.29
N THR A 18 -15.32 24.66 -8.74
CA THR A 18 -15.15 25.44 -7.53
C THR A 18 -14.78 24.61 -6.31
N SER A 19 -15.15 23.32 -6.33
CA SER A 19 -14.89 22.44 -5.20
C SER A 19 -13.51 21.79 -5.26
N SER A 20 -12.76 22.07 -6.32
CA SER A 20 -11.50 21.38 -6.58
C SER A 20 -10.42 22.28 -7.17
N THR A 21 -9.16 21.92 -6.94
CA THR A 21 -8.06 22.69 -7.50
C THR A 21 -7.03 21.83 -8.22
N SER A 22 -7.07 20.52 -8.00
CA SER A 22 -6.17 19.60 -8.68
C SER A 22 -6.92 18.75 -9.71
N PHE A 23 -6.22 18.25 -10.72
CA PHE A 23 -6.84 17.54 -11.83
C PHE A 23 -7.48 16.21 -11.43
N SER A 24 -6.81 15.46 -10.57
CA SER A 24 -7.33 14.18 -10.11
C SER A 24 -8.62 14.38 -9.31
N GLU A 25 -8.61 15.34 -8.38
CA GLU A 25 -9.83 15.66 -7.63
C GLU A 25 -10.96 16.04 -8.56
N THR A 26 -10.69 16.94 -9.51
CA THR A 26 -11.72 17.41 -10.43
C THR A 26 -12.39 16.22 -11.13
N ILE A 27 -11.58 15.38 -11.77
CA ILE A 27 -12.09 14.19 -12.45
C ILE A 27 -12.85 13.27 -11.50
N ASN A 28 -12.40 13.23 -10.26
CA ASN A 28 -13.04 12.39 -9.25
C ASN A 28 -14.43 12.88 -8.93
N GLN A 29 -14.55 14.18 -8.65
CA GLN A 29 -15.86 14.79 -8.40
C GLN A 29 -16.79 14.58 -9.60
N TRP A 30 -16.30 14.86 -10.80
CA TRP A 30 -17.11 14.71 -12.01
C TRP A 30 -17.52 13.26 -12.27
N ALA A 31 -16.64 12.32 -11.97
CA ALA A 31 -16.97 10.90 -12.11
C ALA A 31 -18.02 10.46 -11.11
N ASP A 32 -17.94 10.94 -9.88
CA ASP A 32 -18.93 10.58 -8.85
C ASP A 32 -20.31 11.13 -9.21
N ILE A 33 -20.33 12.30 -9.84
CA ILE A 33 -21.60 12.88 -10.26
C ILE A 33 -22.26 12.11 -11.40
N LEU A 34 -21.49 11.81 -12.45
CA LEU A 34 -22.04 11.06 -13.57
C LEU A 34 -22.35 9.60 -13.23
N LYS A 35 -21.53 8.98 -12.39
CA LYS A 35 -21.76 7.60 -11.98
C LYS A 35 -23.02 7.48 -11.13
N THR A 36 -23.41 8.60 -10.54
CA THR A 36 -24.47 8.61 -9.54
C THR A 36 -25.75 9.23 -10.12
N THR A 37 -25.68 9.56 -11.40
CA THR A 37 -26.81 10.12 -12.13
C THR A 37 -27.32 9.12 -13.14
N ASP A 38 -28.64 9.10 -13.33
CA ASP A 38 -29.24 8.24 -14.35
C ASP A 38 -29.22 8.97 -15.68
N MET A 39 -28.44 8.45 -16.62
CA MET A 39 -28.15 9.13 -17.88
C MET A 39 -29.33 9.06 -18.86
N GLU A 40 -30.52 9.41 -18.39
CA GLU A 40 -31.72 9.39 -19.24
C GLU A 40 -32.67 10.53 -18.87
N LYS A 41 -32.56 11.01 -17.63
CA LYS A 41 -33.54 11.93 -17.06
C LYS A 41 -33.11 13.39 -17.14
N PHE A 42 -31.87 13.64 -17.56
CA PHE A 42 -31.28 14.96 -17.41
C PHE A 42 -30.98 15.68 -18.73
N SER A 43 -30.86 16.99 -18.63
CA SER A 43 -30.31 17.80 -19.71
C SER A 43 -29.01 18.39 -19.19
N PHE A 44 -28.03 18.55 -20.06
CA PHE A 44 -26.71 18.99 -19.64
C PHE A 44 -26.48 20.47 -19.92
N ASP A 45 -25.62 21.11 -19.13
CA ASP A 45 -25.18 22.47 -19.40
C ASP A 45 -23.67 22.58 -19.17
N SER A 46 -22.93 22.71 -20.28
CA SER A 46 -21.48 22.66 -20.23
C SER A 46 -20.84 24.01 -19.93
N ASN A 47 -21.64 25.07 -19.92
CA ASN A 47 -21.12 26.42 -19.77
C ASN A 47 -20.17 26.64 -18.59
N PRO A 48 -20.52 26.12 -17.41
CA PRO A 48 -19.63 26.31 -16.25
C PRO A 48 -18.26 25.62 -16.39
N ILE A 49 -18.13 24.62 -17.25
CA ILE A 49 -16.83 23.97 -17.43
C ILE A 49 -15.81 24.96 -18.02
N ASN A 50 -14.71 25.14 -17.29
CA ASN A 50 -13.65 26.04 -17.70
C ASN A 50 -12.44 25.25 -18.21
N LEU A 51 -12.31 25.15 -19.52
CA LEU A 51 -11.29 24.32 -20.14
C LEU A 51 -9.87 24.81 -19.89
N LEU A 52 -9.71 26.12 -19.73
CA LEU A 52 -8.38 26.67 -19.48
C LEU A 52 -7.90 26.23 -18.10
N GLU A 53 -8.80 26.27 -17.13
CA GLU A 53 -8.48 25.82 -15.77
C GLU A 53 -8.19 24.31 -15.76
N LEU A 54 -8.98 23.54 -16.49
CA LEU A 54 -8.75 22.10 -16.59
C LEU A 54 -7.34 21.83 -17.10
N VAL A 55 -6.98 22.49 -18.20
CA VAL A 55 -5.66 22.33 -18.81
C VAL A 55 -4.56 22.73 -17.84
N LYS A 56 -4.78 23.83 -17.11
CA LYS A 56 -3.83 24.26 -16.09
C LYS A 56 -3.64 23.15 -15.06
N GLN A 57 -4.74 22.56 -14.63
CA GLN A 57 -4.67 21.43 -13.69
C GLN A 57 -4.00 20.23 -14.33
N PHE A 58 -4.44 19.88 -15.53
CA PHE A 58 -3.85 18.74 -16.24
C PHE A 58 -2.34 18.87 -16.42
N ASN A 59 -1.89 20.07 -16.81
CA ASN A 59 -0.45 20.29 -16.99
C ASN A 59 0.33 20.17 -15.69
N LEU A 60 -0.24 20.63 -14.59
CA LEU A 60 0.40 20.47 -13.29
C LEU A 60 0.42 18.97 -12.95
N TYR A 61 -0.63 18.27 -13.33
CA TYR A 61 -0.72 16.83 -13.10
C TYR A 61 0.37 16.07 -13.86
N VAL A 62 0.58 16.44 -15.12
CA VAL A 62 1.65 15.86 -15.94
C VAL A 62 3.01 16.08 -15.29
N ASP A 63 3.28 17.33 -14.92
CA ASP A 63 4.52 17.70 -14.25
C ASP A 63 4.76 16.88 -12.98
N GLU A 64 3.75 16.79 -12.13
CA GLU A 64 3.90 16.08 -10.86
C GLU A 64 4.19 14.61 -11.12
N LEU A 65 3.44 14.02 -12.06
CA LEU A 65 3.65 12.62 -12.41
C LEU A 65 5.10 12.40 -12.81
N ALA A 66 5.64 13.30 -13.63
CA ALA A 66 7.02 13.21 -14.07
C ALA A 66 7.98 13.24 -12.88
N ILE A 67 7.71 14.12 -11.92
CA ILE A 67 8.51 14.22 -10.71
C ILE A 67 8.52 12.92 -9.91
N THR A 68 7.35 12.34 -9.72
CA THR A 68 7.23 11.10 -8.95
C THR A 68 7.97 9.94 -9.61
N CYS A 69 7.77 9.79 -10.93
CA CYS A 69 8.41 8.72 -11.68
C CYS A 69 9.93 8.78 -11.53
N GLU A 70 10.46 10.00 -11.49
CA GLU A 70 11.88 10.22 -11.27
C GLU A 70 12.26 9.80 -9.86
N ALA A 71 11.55 10.33 -8.87
CA ALA A 71 11.85 10.06 -7.47
C ALA A 71 11.76 8.57 -7.13
N ASN A 72 10.74 7.91 -7.66
CA ASN A 72 10.53 6.49 -7.39
C ASN A 72 11.35 5.59 -8.30
N ASN A 73 12.18 6.22 -9.12
CA ASN A 73 13.12 5.51 -9.99
C ASN A 73 12.52 4.38 -10.82
N VAL A 74 11.41 4.67 -11.52
CA VAL A 74 11.00 3.79 -12.60
C VAL A 74 11.96 4.07 -13.75
N TRP A 75 11.74 3.44 -14.91
CA TRP A 75 12.70 3.53 -16.01
C TRP A 75 14.02 2.86 -15.64
N ALA A 76 13.99 2.02 -14.61
CA ALA A 76 15.21 1.38 -14.11
C ALA A 76 15.70 0.25 -15.01
N THR A 83 24.46 4.15 -20.30
CA THR A 83 23.27 3.48 -20.83
C THR A 83 22.19 4.48 -21.23
N PRO A 84 21.76 4.42 -22.50
CA PRO A 84 20.76 5.33 -23.06
C PRO A 84 19.36 5.04 -22.54
N ASN A 85 18.37 5.82 -22.99
CA ASN A 85 17.00 5.68 -22.51
C ASN A 85 16.20 4.58 -23.20
N LEU A 86 14.95 4.43 -22.78
CA LEU A 86 14.10 3.36 -23.28
C LEU A 86 13.80 3.47 -24.79
N PHE A 87 14.06 4.64 -25.37
CA PHE A 87 13.63 4.90 -26.74
C PHE A 87 14.77 4.88 -27.76
N ALA A 88 16.00 4.82 -27.26
CA ALA A 88 17.19 4.85 -28.11
C ALA A 88 17.11 3.88 -29.28
N LEU A 89 16.60 2.68 -29.03
CA LEU A 89 16.63 1.61 -30.03
C LEU A 89 15.62 1.81 -31.15
N TYR A 90 14.73 2.79 -31.02
CA TYR A 90 13.64 2.95 -31.98
C TYR A 90 13.71 4.26 -32.76
N ASP A 91 14.92 4.80 -32.91
CA ASP A 91 15.11 6.04 -33.64
C ASP A 91 15.45 5.79 -35.10
N ASN A 92 14.73 6.45 -36.00
CA ASN A 92 15.02 6.34 -37.43
C ASN A 92 15.26 7.70 -38.07
N SER A 93 15.30 8.73 -37.23
CA SER A 93 15.42 10.11 -37.69
C SER A 93 16.75 10.38 -38.40
N GLY A 94 17.79 9.67 -38.00
CA GLY A 94 19.12 9.92 -38.53
C GLY A 94 19.69 11.22 -37.98
N GLY A 95 19.27 11.57 -36.78
CA GLY A 95 19.78 12.74 -36.10
C GLY A 95 19.22 14.07 -36.59
N GLU A 96 18.28 14.00 -37.53
CA GLU A 96 17.66 15.21 -38.05
C GLU A 96 16.83 15.93 -36.98
N ALA A 97 16.65 17.24 -37.17
CA ALA A 97 15.86 18.04 -36.25
C ALA A 97 14.41 18.15 -36.70
N ILE A 98 13.48 17.84 -35.81
CA ILE A 98 12.05 18.04 -36.05
C ILE A 98 11.53 19.06 -35.07
N HIS A 99 10.77 20.04 -35.56
CA HIS A 99 10.19 21.05 -34.68
C HIS A 99 11.13 21.50 -33.58
N GLY A 100 12.35 21.88 -33.94
CA GLY A 100 13.28 22.47 -33.02
C GLY A 100 14.00 21.48 -32.11
N HIS A 101 13.78 20.19 -32.30
CA HIS A 101 14.49 19.19 -31.52
C HIS A 101 14.97 18.05 -32.39
N ALA A 102 16.18 17.58 -32.12
CA ALA A 102 16.64 16.33 -32.68
C ALA A 102 16.59 15.27 -31.58
N PHE A 103 16.28 14.04 -31.97
CA PHE A 103 16.27 12.91 -31.05
C PHE A 103 17.63 12.77 -30.36
N VAL A 104 17.61 12.76 -29.03
CA VAL A 104 18.83 12.54 -28.25
C VAL A 104 18.61 11.37 -27.31
N PRO A 105 19.32 10.26 -27.55
CA PRO A 105 19.09 9.00 -26.83
C PRO A 105 19.37 9.08 -25.33
N TYR A 106 19.86 10.22 -24.85
CA TYR A 106 20.16 10.34 -23.42
C TYR A 106 19.17 11.22 -22.65
N TYR A 107 18.12 11.68 -23.33
CA TYR A 107 17.03 12.35 -22.66
C TYR A 107 16.46 11.43 -21.59
N LYS A 108 16.31 11.95 -20.37
CA LYS A 108 15.63 11.20 -19.33
C LYS A 108 14.17 11.09 -19.74
N GLU A 109 13.59 9.91 -19.58
CA GLU A 109 12.22 9.71 -20.04
C GLU A 109 11.16 10.52 -19.27
N SER A 110 11.52 11.07 -18.13
CA SER A 110 10.60 11.97 -17.41
C SER A 110 10.51 13.31 -18.12
N ILE A 111 11.58 13.67 -18.82
CA ILE A 111 11.59 14.88 -19.63
C ILE A 111 10.75 14.68 -20.89
N VAL A 112 10.93 13.53 -21.54
CA VAL A 112 10.11 13.17 -22.69
C VAL A 112 8.65 13.15 -22.29
N LEU A 113 8.38 12.65 -21.07
CA LEU A 113 7.03 12.58 -20.54
C LEU A 113 6.39 13.97 -20.47
N ARG A 114 7.16 14.95 -19.98
CA ARG A 114 6.66 16.30 -19.82
C ARG A 114 6.37 16.97 -21.16
N ARG A 115 7.25 16.75 -22.14
CA ARG A 115 7.10 17.37 -23.46
C ARG A 115 5.94 16.74 -24.24
N LEU A 116 5.86 15.40 -24.20
CA LEU A 116 4.86 14.68 -24.95
C LEU A 116 3.43 14.97 -24.49
N PHE A 117 3.22 15.17 -23.19
CA PHE A 117 1.86 15.24 -22.66
C PHE A 117 1.42 16.61 -22.16
N THR A 118 2.31 17.59 -22.20
CA THR A 118 1.93 18.93 -21.79
C THR A 118 1.15 19.62 -22.91
N VAL A 119 -0.04 20.11 -22.55
CA VAL A 119 -0.89 20.79 -23.52
C VAL A 119 -0.47 22.24 -23.69
N ASP A 120 -0.02 22.56 -24.89
CA ASP A 120 0.53 23.88 -25.19
C ASP A 120 -0.43 24.71 -26.03
N PRO A 121 -0.80 25.89 -25.53
CA PRO A 121 -1.70 26.79 -26.26
C PRO A 121 -1.05 27.25 -27.57
N ASN A 122 0.27 27.37 -27.55
CA ASN A 122 1.00 27.71 -28.76
C ASN A 122 0.66 26.75 -29.91
N THR A 123 0.79 25.45 -29.65
CA THR A 123 0.52 24.46 -30.70
C THR A 123 -0.94 24.04 -30.71
N PHE A 124 -1.83 25.03 -30.82
CA PHE A 124 -3.26 24.77 -30.94
C PHE A 124 -3.78 23.79 -29.89
N ASN A 125 -3.25 23.91 -28.68
CA ASN A 125 -3.68 23.08 -27.56
C ASN A 125 -3.41 21.59 -27.77
N LEU A 126 -2.40 21.30 -28.57
CA LEU A 126 -1.94 19.94 -28.80
C LEU A 126 -0.77 19.65 -27.88
N SER A 127 -0.56 18.38 -27.56
CA SER A 127 0.63 17.99 -26.82
C SER A 127 1.51 17.13 -27.71
N ARG A 128 2.71 17.64 -27.99
CA ARG A 128 3.59 17.03 -28.97
C ARG A 128 5.06 17.07 -28.56
N PHE A 129 5.80 16.07 -28.98
CA PHE A 129 7.26 16.09 -28.92
C PHE A 129 7.76 15.38 -30.18
N ALA A 130 7.70 16.08 -31.31
CA ALA A 130 7.85 15.45 -32.62
C ALA A 130 8.96 14.42 -32.68
N ALA A 131 10.14 14.77 -32.19
CA ALA A 131 11.30 13.90 -32.33
C ALA A 131 11.19 12.61 -31.52
N PHE A 132 10.17 12.50 -30.67
CA PHE A 132 9.99 11.29 -29.86
C PHE A 132 8.72 10.51 -30.14
N GLU A 133 7.87 11.04 -31.01
CA GLU A 133 6.59 10.40 -31.31
C GLU A 133 6.72 9.03 -31.96
N GLY A 134 7.71 8.90 -32.84
CA GLY A 134 7.98 7.65 -33.50
C GLY A 134 8.50 6.59 -32.55
N PRO A 135 9.66 6.85 -31.94
CA PRO A 135 10.32 5.93 -31.00
C PRO A 135 9.43 5.56 -29.81
N CYS A 136 8.59 6.47 -29.34
CA CYS A 136 7.69 6.14 -28.24
C CYS A 136 6.60 5.18 -28.69
N GLN A 137 6.13 5.33 -29.93
CA GLN A 137 5.11 4.45 -30.48
C GLN A 137 5.66 3.03 -30.66
N LEU A 138 6.88 2.94 -31.18
CA LEU A 138 7.53 1.64 -31.36
C LEU A 138 7.78 0.97 -30.00
N TYR A 139 8.31 1.73 -29.05
CA TYR A 139 8.54 1.20 -27.71
C TYR A 139 7.26 0.60 -27.13
N CYS A 140 6.18 1.38 -27.15
CA CYS A 140 4.91 0.93 -26.61
C CYS A 140 4.46 -0.40 -27.22
N ALA A 141 4.55 -0.48 -28.55
CA ALA A 141 4.13 -1.67 -29.26
C ALA A 141 4.95 -2.91 -28.85
N ALA A 142 6.10 -2.68 -28.23
CA ALA A 142 7.02 -3.75 -27.91
C ALA A 142 7.07 -4.04 -26.41
N HIS A 143 6.43 -3.20 -25.61
CA HIS A 143 6.37 -3.39 -24.17
C HIS A 143 4.98 -3.03 -23.67
N ALA A 144 4.00 -3.86 -24.00
CA ALA A 144 2.61 -3.61 -23.66
C ALA A 144 2.37 -3.42 -22.17
N ASP A 145 3.12 -4.14 -21.35
CA ASP A 145 2.87 -4.16 -19.91
C ASP A 145 3.83 -3.25 -19.13
N SER A 146 4.63 -2.47 -19.84
CA SER A 146 5.62 -1.61 -19.21
C SER A 146 5.01 -0.47 -18.38
N ALA A 147 5.81 0.11 -17.51
CA ALA A 147 5.38 1.25 -16.71
C ALA A 147 5.04 2.46 -17.59
N TRP A 148 5.85 2.68 -18.64
CA TRP A 148 5.64 3.80 -19.55
C TRP A 148 4.28 3.76 -20.21
N VAL A 149 3.87 2.57 -20.66
CA VAL A 149 2.58 2.42 -21.31
C VAL A 149 1.42 2.73 -20.36
N LYS A 150 1.59 2.43 -19.08
CA LYS A 150 0.57 2.76 -18.09
C LYS A 150 0.53 4.27 -17.85
N ILE A 151 1.70 4.90 -17.90
CA ILE A 151 1.78 6.36 -17.85
C ILE A 151 1.10 6.97 -19.08
N GLN A 152 1.39 6.41 -20.25
CA GLN A 152 0.81 6.91 -21.49
C GLN A 152 -0.70 6.73 -21.55
N THR A 153 -1.18 5.55 -21.19
CA THR A 153 -2.62 5.29 -21.11
C THR A 153 -3.27 6.34 -20.24
N LEU A 154 -2.65 6.61 -19.09
CA LEU A 154 -3.17 7.57 -18.13
C LEU A 154 -3.32 8.95 -18.77
N LEU A 155 -2.19 9.52 -19.19
CA LEU A 155 -2.18 10.89 -19.69
C LEU A 155 -2.96 11.04 -21.00
N THR A 156 -3.05 9.96 -21.77
CA THR A 156 -3.85 9.98 -22.99
C THR A 156 -5.33 10.14 -22.64
N LEU A 157 -5.81 9.36 -21.67
CA LEU A 157 -7.18 9.49 -21.20
C LEU A 157 -7.46 10.90 -20.66
N GLY A 158 -6.48 11.48 -19.97
CA GLY A 158 -6.61 12.82 -19.46
C GLY A 158 -6.81 13.80 -20.61
N ASN A 159 -5.88 13.76 -21.56
CA ASN A 159 -5.97 14.58 -22.76
C ASN A 159 -7.33 14.42 -23.42
N GLY A 160 -7.74 13.17 -23.61
CA GLY A 160 -9.01 12.87 -24.24
C GLY A 160 -10.21 13.46 -23.53
N ILE A 161 -10.16 13.48 -22.20
CA ILE A 161 -11.24 14.05 -21.40
C ILE A 161 -11.41 15.52 -21.74
N ILE A 162 -10.28 16.20 -21.83
CA ILE A 162 -10.26 17.61 -22.17
C ILE A 162 -10.86 17.86 -23.56
N ASN A 163 -10.51 17.04 -24.53
CA ASN A 163 -11.06 17.20 -25.87
C ASN A 163 -12.54 16.84 -26.01
N THR A 164 -12.98 15.85 -25.24
CA THR A 164 -14.39 15.50 -25.20
C THR A 164 -15.21 16.66 -24.64
N LEU A 165 -14.66 17.35 -23.65
CA LEU A 165 -15.33 18.51 -23.09
C LEU A 165 -15.39 19.68 -24.09
N LYS A 166 -14.33 19.88 -24.85
CA LYS A 166 -14.35 20.88 -25.90
C LYS A 166 -15.42 20.57 -26.94
N ILE A 167 -15.52 19.29 -27.32
CA ILE A 167 -16.50 18.87 -28.30
C ILE A 167 -17.91 19.11 -27.78
N ILE A 168 -18.13 18.82 -26.50
CA ILE A 168 -19.42 19.05 -25.87
C ILE A 168 -19.76 20.54 -25.83
N LYS A 169 -18.78 21.37 -25.47
CA LYS A 169 -19.01 22.80 -25.41
C LYS A 169 -19.32 23.41 -26.79
N GLN A 170 -18.59 22.97 -27.80
CA GLN A 170 -18.82 23.49 -29.15
C GLN A 170 -20.19 23.06 -29.66
N ALA A 171 -20.55 21.80 -29.40
CA ALA A 171 -21.85 21.29 -29.83
C ALA A 171 -22.99 22.09 -29.21
N GLN A 172 -22.83 22.47 -27.95
CA GLN A 172 -23.88 23.21 -27.26
C GLN A 172 -24.01 24.63 -27.81
N ALA A 173 -22.87 25.22 -28.18
CA ALA A 173 -22.88 26.56 -28.73
C ALA A 173 -23.56 26.58 -30.10
N PHE A 174 -23.36 25.50 -30.86
CA PHE A 174 -23.96 25.35 -32.18
C PHE A 174 -25.38 24.81 -32.11
N GLY A 175 -25.87 24.53 -30.91
CA GLY A 175 -27.23 24.07 -30.72
C GLY A 175 -27.48 22.65 -31.19
N ILE A 176 -26.44 21.83 -31.16
CA ILE A 176 -26.55 20.45 -31.63
C ILE A 176 -26.69 19.49 -30.46
N ASP A 177 -27.92 19.08 -30.17
CA ASP A 177 -28.24 18.34 -28.96
C ASP A 177 -27.71 16.91 -28.89
N GLU A 178 -27.91 16.14 -29.96
CA GLU A 178 -27.44 14.76 -29.96
C GLU A 178 -25.93 14.68 -29.75
N ALA A 179 -25.20 15.68 -30.22
CA ALA A 179 -23.74 15.69 -30.11
C ALA A 179 -23.29 15.93 -28.68
N VAL A 180 -24.23 16.30 -27.81
CA VAL A 180 -23.92 16.54 -26.41
C VAL A 180 -24.20 15.31 -25.54
N THR A 181 -25.27 14.56 -25.87
CA THR A 181 -25.67 13.43 -25.05
C THR A 181 -24.88 12.15 -25.30
N GLU A 182 -24.41 11.94 -26.53
CA GLU A 182 -23.59 10.78 -26.84
C GLU A 182 -22.19 10.96 -26.27
N ASN A 183 -21.76 12.21 -26.19
CA ASN A 183 -20.46 12.52 -25.64
C ASN A 183 -20.43 12.50 -24.12
N LEU A 184 -21.60 12.65 -23.49
CA LEU A 184 -21.71 12.52 -22.04
C LEU A 184 -21.49 11.07 -21.63
N LYS A 185 -22.00 10.13 -22.42
CA LYS A 185 -21.73 8.72 -22.16
C LYS A 185 -20.25 8.44 -22.37
N ALA A 186 -19.70 8.93 -23.47
CA ALA A 186 -18.28 8.76 -23.74
C ALA A 186 -17.46 9.39 -22.61
N LEU A 187 -17.88 10.56 -22.14
CA LEU A 187 -17.20 11.27 -21.08
C LEU A 187 -17.16 10.43 -19.79
N LYS A 188 -18.28 9.79 -19.48
CA LYS A 188 -18.39 8.95 -18.29
C LYS A 188 -17.46 7.75 -18.40
N GLU A 189 -17.49 7.09 -19.54
CA GLU A 189 -16.60 5.97 -19.82
C GLU A 189 -15.14 6.38 -19.65
N GLN A 190 -14.81 7.56 -20.14
CA GLN A 190 -13.44 8.09 -20.03
C GLN A 190 -13.06 8.35 -18.56
N PHE A 191 -13.98 8.90 -17.79
CA PHE A 191 -13.75 9.07 -16.34
C PHE A 191 -13.41 7.73 -15.68
N ILE A 192 -14.24 6.72 -15.92
CA ILE A 192 -14.01 5.39 -15.36
C ILE A 192 -12.68 4.79 -15.83
N ALA A 193 -12.31 5.07 -17.07
CA ALA A 193 -11.05 4.57 -17.60
C ALA A 193 -9.87 5.32 -16.96
N PHE A 194 -10.03 6.63 -16.81
CA PHE A 194 -8.98 7.46 -16.21
C PHE A 194 -8.68 7.01 -14.79
N GLN A 195 -9.74 6.78 -14.00
CA GLN A 195 -9.56 6.40 -12.61
C GLN A 195 -8.94 5.02 -12.49
N LEU A 196 -9.27 4.16 -13.45
CA LEU A 196 -8.73 2.81 -13.50
C LEU A 196 -7.24 2.86 -13.79
N ALA A 197 -6.87 3.72 -14.74
CA ALA A 197 -5.47 3.89 -15.13
C ALA A 197 -4.70 4.48 -13.96
N GLU A 198 -5.35 5.39 -13.24
CA GLU A 198 -4.76 6.06 -12.10
C GLU A 198 -4.44 5.06 -11.00
N ALA A 199 -5.36 4.12 -10.77
CA ALA A 199 -5.19 3.11 -9.75
C ALA A 199 -4.09 2.14 -10.14
N ASP A 200 -3.98 1.88 -11.44
CA ASP A 200 -2.98 0.94 -11.95
C ASP A 200 -1.58 1.52 -11.83
N ILE A 201 -1.48 2.84 -11.90
CA ILE A 201 -0.19 3.52 -11.77
C ILE A 201 0.29 3.58 -10.31
N LYS A 202 -0.65 3.73 -9.39
CA LYS A 202 -0.32 3.78 -7.96
C LYS A 202 0.46 2.54 -7.55
N GLU A 203 0.21 1.43 -8.25
CA GLU A 203 0.91 0.19 -7.99
C GLU A 203 2.36 0.20 -8.51
N SER A 204 2.55 0.77 -9.70
CA SER A 204 3.88 0.81 -10.31
C SER A 204 4.81 1.81 -9.61
N LEU A 205 4.24 2.88 -9.07
CA LEU A 205 5.01 3.83 -8.27
C LEU A 205 5.51 3.10 -7.04
N LYS A 206 4.69 2.19 -6.53
CA LYS A 206 5.06 1.31 -5.44
C LYS A 206 5.90 1.99 -4.36
N ALA A 207 7.08 1.45 -4.11
CA ALA A 207 8.00 2.02 -3.14
C ALA A 207 9.09 2.84 -3.84
N PRO A 208 9.68 3.81 -3.13
CA PRO A 208 10.73 4.68 -3.66
C PRO A 208 12.12 4.13 -3.38
N SER A 209 13.14 4.91 -3.75
CA SER A 209 14.55 4.56 -3.53
C SER A 209 14.80 3.09 -3.18
N ASN A 216 22.33 12.00 -10.82
CA ASN A 216 22.81 12.67 -12.03
C ASN A 216 23.50 14.00 -11.75
N LYS A 217 24.82 14.01 -11.87
CA LYS A 217 25.63 15.19 -11.54
C LYS A 217 25.67 16.20 -12.67
N GLU A 218 25.81 15.72 -13.90
CA GLU A 218 26.07 16.57 -15.05
C GLU A 218 24.87 17.36 -15.56
N SER A 219 23.69 16.77 -15.47
CA SER A 219 22.49 17.40 -16.02
C SER A 219 21.20 16.94 -15.36
N GLU A 220 20.21 17.82 -15.35
CA GLU A 220 18.87 17.51 -14.86
C GLU A 220 18.04 16.81 -15.94
N PHE A 221 18.43 16.98 -17.20
CA PHE A 221 17.60 16.56 -18.33
C PHE A 221 18.13 15.34 -19.08
N PHE A 222 19.43 15.09 -18.95
CA PHE A 222 20.02 13.94 -19.63
C PHE A 222 20.72 13.00 -18.67
N TYR A 223 20.66 11.71 -18.99
CA TYR A 223 21.52 10.71 -18.36
C TYR A 223 22.97 11.05 -18.69
N PRO A 224 23.91 10.46 -17.93
CA PRO A 224 25.33 10.69 -18.19
C PRO A 224 25.74 10.28 -19.61
N ILE A 225 26.51 11.13 -20.28
CA ILE A 225 26.99 10.83 -21.62
C ILE A 225 28.52 10.72 -21.64
N ASP A 226 29.03 9.51 -21.89
CA ASP A 226 30.47 9.31 -21.94
C ASP A 226 31.07 9.99 -23.17
N GLU A 227 32.38 10.23 -23.14
CA GLU A 227 33.02 10.99 -24.21
C GLU A 227 32.88 10.34 -25.58
N LYS A 228 32.79 9.01 -25.62
CA LYS A 228 32.58 8.31 -26.89
C LYS A 228 31.21 8.66 -27.49
N ALA A 229 30.17 8.60 -26.67
CA ALA A 229 28.81 8.82 -27.14
C ALA A 229 28.55 10.29 -27.49
N LEU A 230 29.18 11.19 -26.74
CA LEU A 230 29.05 12.62 -27.01
C LEU A 230 29.68 12.98 -28.37
N ALA A 231 30.81 12.37 -28.66
CA ALA A 231 31.53 12.63 -29.91
C ALA A 231 30.75 12.13 -31.13
N LYS A 232 29.88 11.14 -30.91
CA LYS A 232 29.07 10.59 -32.00
C LYS A 232 27.94 11.53 -32.43
N MET A 233 27.57 12.46 -31.55
CA MET A 233 26.46 13.38 -31.81
C MET A 233 26.71 14.30 -33.01
N ASN A 234 25.66 14.58 -33.77
CA ASN A 234 25.75 15.64 -34.78
C ASN A 234 25.43 17.01 -34.17
N GLY A 235 25.57 18.05 -34.98
CA GLY A 235 25.33 19.41 -34.52
C GLY A 235 23.91 19.62 -34.01
N TYR A 236 22.93 19.07 -34.71
CA TYR A 236 21.53 19.21 -34.29
C TYR A 236 21.33 18.65 -32.89
N GLN A 237 21.92 17.49 -32.63
CA GLN A 237 21.79 16.86 -31.32
C GLN A 237 22.53 17.66 -30.24
N LEU A 238 23.78 18.01 -30.53
CA LEU A 238 24.58 18.78 -29.58
C LEU A 238 23.89 20.09 -29.25
N ALA A 239 23.26 20.69 -30.26
CA ALA A 239 22.56 21.95 -30.08
C ALA A 239 21.30 21.82 -29.23
N THR A 240 20.50 20.77 -29.46
CA THR A 240 19.29 20.59 -28.64
C THR A 240 19.67 20.38 -27.18
N ILE A 241 20.79 19.70 -26.96
CA ILE A 241 21.30 19.51 -25.62
C ILE A 241 21.62 20.85 -24.99
N CYS A 242 22.41 21.67 -25.69
CA CYS A 242 22.75 23.00 -25.20
C CYS A 242 21.51 23.84 -24.92
N LEU A 243 20.59 23.88 -25.88
CA LEU A 243 19.36 24.62 -25.73
C LEU A 243 18.59 24.17 -24.50
N GLU A 244 18.68 22.88 -24.20
CA GLU A 244 17.96 22.27 -23.10
C GLU A 244 18.60 22.64 -21.76
N GLU A 245 19.92 22.55 -21.71
CA GLU A 245 20.66 22.81 -20.48
C GLU A 245 20.39 24.21 -19.94
N LEU A 246 20.07 25.14 -20.83
CA LEU A 246 19.77 26.51 -20.39
C LEU A 246 18.44 26.60 -19.64
N ASN A 247 17.72 25.48 -19.54
CA ASN A 247 16.52 25.45 -18.72
C ASN A 247 16.86 25.31 -17.23
N SER A 248 18.10 24.97 -16.92
CA SER A 248 18.59 24.94 -15.54
C SER A 248 18.84 26.36 -15.05
N PRO A 249 18.57 26.61 -13.76
CA PRO A 249 18.79 27.96 -13.23
C PRO A 249 20.27 28.36 -13.22
N LYS A 250 21.17 27.39 -13.10
CA LYS A 250 22.60 27.67 -13.17
C LYS A 250 23.28 26.84 -14.27
N PRO A 251 24.37 27.36 -14.83
CA PRO A 251 25.15 26.64 -15.85
C PRO A 251 25.48 25.23 -15.39
N SER A 252 25.06 24.24 -16.19
CA SER A 252 25.26 22.85 -15.83
C SER A 252 26.62 22.33 -16.28
N PRO A 253 27.17 21.35 -15.57
CA PRO A 253 28.43 20.71 -15.96
C PRO A 253 28.40 20.15 -17.38
N LEU A 254 27.25 19.68 -17.83
CA LEU A 254 27.13 19.11 -19.18
C LEU A 254 27.42 20.17 -20.25
N ILE A 255 26.73 21.30 -20.18
CA ILE A 255 26.88 22.35 -21.18
C ILE A 255 28.27 22.95 -21.14
N GLU A 256 28.88 22.96 -19.95
CA GLU A 256 30.24 23.46 -19.82
C GLU A 256 31.22 22.46 -20.49
N ARG A 257 30.97 21.18 -20.29
CA ARG A 257 31.76 20.14 -20.94
C ARG A 257 31.73 20.32 -22.46
N ILE A 258 30.54 20.57 -22.99
CA ILE A 258 30.35 20.69 -24.44
C ILE A 258 30.99 21.97 -24.99
N LEU A 259 30.62 23.11 -24.44
CA LEU A 259 31.13 24.39 -24.91
C LEU A 259 32.62 24.62 -24.62
N SER A 260 33.19 23.79 -23.77
CA SER A 260 34.61 23.93 -23.44
C SER A 260 35.50 23.26 -24.48
N ASN A 261 34.94 22.26 -25.16
CA ASN A 261 35.70 21.45 -26.10
C ASN A 261 35.51 21.95 -27.54
N LYS A 262 36.60 22.34 -28.18
CA LYS A 262 36.55 22.94 -29.52
C LYS A 262 35.96 22.05 -30.59
N LYS A 263 36.18 20.74 -30.46
CA LYS A 263 35.76 19.80 -31.50
C LYS A 263 34.25 19.79 -31.73
N PHE A 264 33.51 20.38 -30.80
CA PHE A 264 32.06 20.39 -30.86
C PHE A 264 31.50 21.66 -31.51
N TRP A 265 32.30 22.73 -31.52
CA TRP A 265 31.75 24.03 -31.86
C TRP A 265 31.21 24.16 -33.28
N LYS A 266 31.99 23.74 -34.28
CA LYS A 266 31.59 23.88 -35.67
C LYS A 266 30.24 23.24 -35.95
N ARG A 267 30.07 21.99 -35.50
CA ARG A 267 28.78 21.30 -35.57
C ARG A 267 27.64 22.15 -34.99
N ILE A 268 27.77 22.49 -33.72
CA ILE A 268 26.73 23.22 -33.01
C ILE A 268 26.35 24.52 -33.70
N ASN A 269 27.34 25.36 -33.97
CA ASN A 269 27.10 26.68 -34.52
C ASN A 269 26.49 26.61 -35.92
N SER A 270 26.88 25.58 -36.66
CA SER A 270 26.33 25.33 -37.98
C SER A 270 24.85 24.96 -37.89
N ALA A 271 24.51 24.15 -36.89
CA ALA A 271 23.12 23.81 -36.64
C ALA A 271 22.30 25.07 -36.38
N PHE A 272 22.81 25.92 -35.48
CA PHE A 272 22.20 27.23 -35.23
C PHE A 272 21.95 28.00 -36.53
N GLU A 273 22.98 28.08 -37.38
CA GLU A 273 22.90 28.85 -38.61
C GLU A 273 21.88 28.29 -39.62
N SER A 274 21.55 27.02 -39.49
CA SER A 274 20.60 26.38 -40.39
C SER A 274 19.19 26.94 -40.25
N GLY A 275 18.90 27.59 -39.12
CA GLY A 275 17.59 28.17 -38.88
C GLY A 275 16.58 27.17 -38.35
N VAL A 276 17.04 25.93 -38.16
CA VAL A 276 16.15 24.85 -37.78
C VAL A 276 15.58 24.98 -36.36
N PHE A 277 16.05 25.96 -35.60
CA PHE A 277 15.61 26.15 -34.20
C PHE A 277 14.75 27.38 -33.96
N LYS A 278 14.48 28.16 -35.00
CA LYS A 278 13.75 29.42 -34.84
C LYS A 278 12.27 29.26 -34.53
N GLY A 279 11.72 28.07 -34.76
CA GLY A 279 10.32 27.82 -34.47
C GLY A 279 10.06 27.59 -32.98
N ARG A 280 11.13 27.29 -32.24
CA ARG A 280 11.04 27.04 -30.82
C ARG A 280 10.35 28.17 -30.06
N THR A 281 9.70 27.82 -28.95
CA THR A 281 8.96 28.81 -28.16
C THR A 281 9.62 29.12 -26.83
N ASP A 282 10.84 28.64 -26.63
CA ASP A 282 11.58 28.91 -25.41
C ASP A 282 12.71 29.92 -25.65
N ASP A 283 12.48 30.86 -26.56
CA ASP A 283 13.42 31.93 -26.85
C ASP A 283 14.75 31.43 -27.41
N PRO A 284 14.73 30.86 -28.61
CA PRO A 284 15.94 30.29 -29.24
C PRO A 284 16.98 31.37 -29.47
N ALA A 285 16.52 32.56 -29.86
CA ALA A 285 17.41 33.69 -30.14
C ALA A 285 18.16 34.09 -28.88
N GLY A 286 17.43 34.24 -27.78
CA GLY A 286 18.05 34.56 -26.51
C GLY A 286 19.05 33.50 -26.11
N LYS A 287 18.67 32.23 -26.28
CA LYS A 287 19.52 31.11 -25.86
C LYS A 287 20.78 30.99 -26.71
N ILE A 288 20.62 31.12 -28.02
CA ILE A 288 21.73 31.01 -28.94
C ILE A 288 22.74 32.13 -28.69
N ALA A 289 22.25 33.32 -28.39
CA ALA A 289 23.12 34.43 -28.01
C ALA A 289 23.88 34.08 -26.73
N LYS A 290 23.15 33.54 -25.76
CA LYS A 290 23.73 33.12 -24.49
C LYS A 290 24.82 32.07 -24.72
N ILE A 291 24.47 31.03 -25.47
CA ILE A 291 25.39 29.93 -25.75
C ILE A 291 26.65 30.43 -26.46
N ARG A 292 26.46 31.30 -27.45
CA ARG A 292 27.61 31.85 -28.18
C ARG A 292 28.49 32.67 -27.26
N GLU A 293 27.86 33.38 -26.32
CA GLU A 293 28.59 34.18 -25.36
C GLU A 293 29.42 33.29 -24.42
N TRP A 294 28.79 32.25 -23.89
CA TRP A 294 29.51 31.30 -23.05
C TRP A 294 30.66 30.63 -23.79
N HIS A 295 30.45 30.32 -25.06
CA HIS A 295 31.49 29.73 -25.90
C HIS A 295 32.70 30.66 -26.00
N GLN A 296 32.43 31.94 -26.26
CA GLN A 296 33.49 32.93 -26.29
C GLN A 296 34.24 32.95 -24.96
N LEU A 297 33.48 33.02 -23.87
CA LEU A 297 34.04 33.03 -22.53
C LEU A 297 34.99 31.86 -22.29
N LEU A 298 34.52 30.65 -22.62
CA LEU A 298 35.26 29.42 -22.33
C LEU A 298 36.42 29.14 -23.29
N GLN A 299 36.45 29.80 -24.44
CA GLN A 299 37.51 29.56 -25.40
C GLN A 299 38.62 30.59 -25.35
N ILE A 300 38.59 31.44 -24.32
CA ILE A 300 39.65 32.39 -24.08
C ILE A 300 40.91 31.66 -23.59
N SER A 301 40.74 30.85 -22.56
CA SER A 301 41.80 29.96 -22.11
C SER A 301 41.18 28.66 -21.60
N GLY A 302 41.46 27.56 -22.31
CA GLY A 302 40.91 26.27 -21.96
C GLY A 302 41.28 25.82 -20.57
N LYS B 11 -19.54 29.52 5.91
CA LYS B 11 -18.30 28.75 5.96
C LYS B 11 -18.50 27.31 5.47
N PRO B 12 -17.58 26.84 4.61
CA PRO B 12 -17.68 25.53 3.94
C PRO B 12 -17.37 24.37 4.88
N LEU B 13 -18.06 23.25 4.67
CA LEU B 13 -17.79 22.04 5.44
C LEU B 13 -17.93 20.80 4.56
N THR B 14 -17.02 19.85 4.74
CA THR B 14 -17.10 18.58 4.02
C THR B 14 -16.55 17.44 4.86
N LEU B 15 -16.44 16.28 4.24
CA LEU B 15 -15.95 15.08 4.91
C LEU B 15 -14.78 14.48 4.13
N LEU B 16 -13.58 14.61 4.67
CA LEU B 16 -12.38 14.15 3.98
C LEU B 16 -11.86 12.81 4.50
N MET B 17 -10.87 12.27 3.80
CA MET B 17 -10.31 10.97 4.10
C MET B 17 -8.80 11.07 4.24
N THR B 18 -8.33 12.31 4.30
CA THR B 18 -6.90 12.60 4.35
C THR B 18 -6.18 11.79 5.43
N SER B 19 -6.80 11.67 6.60
CA SER B 19 -6.17 11.00 7.73
C SER B 19 -6.79 9.65 8.06
N SER B 20 -7.03 8.84 7.03
CA SER B 20 -7.64 7.53 7.24
C SER B 20 -7.13 6.46 6.26
N THR B 21 -7.37 5.21 6.60
CA THR B 21 -6.93 4.08 5.78
C THR B 21 -7.93 2.93 5.81
N SER B 22 -8.78 2.93 6.83
CA SER B 22 -9.79 1.89 6.96
C SER B 22 -11.19 2.49 6.96
N PHE B 23 -12.17 1.71 6.52
CA PHE B 23 -13.56 2.16 6.46
C PHE B 23 -14.08 2.52 7.85
N SER B 24 -13.71 1.71 8.83
CA SER B 24 -14.12 1.92 10.21
C SER B 24 -13.63 3.25 10.76
N GLU B 25 -12.33 3.52 10.59
CA GLU B 25 -11.72 4.76 11.05
CA GLU B 25 -11.76 4.77 11.08
C GLU B 25 -12.34 5.97 10.35
N THR B 26 -12.68 5.80 9.08
CA THR B 26 -13.28 6.86 8.29
C THR B 26 -14.65 7.25 8.84
N ILE B 27 -15.46 6.26 9.16
CA ILE B 27 -16.78 6.53 9.71
C ILE B 27 -16.68 7.19 11.08
N ASN B 28 -15.68 6.80 11.87
CA ASN B 28 -15.48 7.41 13.18
C ASN B 28 -15.11 8.88 13.09
N GLN B 29 -14.16 9.20 12.22
CA GLN B 29 -13.75 10.59 12.02
C GLN B 29 -14.93 11.42 11.54
N TRP B 30 -15.72 10.87 10.62
CA TRP B 30 -16.89 11.57 10.11
C TRP B 30 -17.98 11.65 11.17
N ALA B 31 -18.11 10.58 11.94
CA ALA B 31 -19.09 10.56 13.03
C ALA B 31 -18.85 11.71 14.00
N ASP B 32 -17.60 11.89 14.42
CA ASP B 32 -17.24 12.98 15.31
C ASP B 32 -17.61 14.33 14.71
N ILE B 33 -17.18 14.56 13.48
CA ILE B 33 -17.43 15.83 12.80
C ILE B 33 -18.92 16.20 12.82
N LEU B 34 -19.77 15.24 12.49
CA LEU B 34 -21.21 15.49 12.43
C LEU B 34 -21.88 15.58 13.82
N LYS B 35 -21.23 15.01 14.83
CA LYS B 35 -21.75 15.11 16.19
C LYS B 35 -21.42 16.47 16.80
N THR B 36 -20.31 17.06 16.38
CA THR B 36 -19.78 18.25 17.04
C THR B 36 -20.01 19.55 16.26
N THR B 37 -20.86 19.51 15.25
CA THR B 37 -21.11 20.71 14.44
C THR B 37 -22.59 21.01 14.28
N ASP B 38 -22.94 22.29 14.43
CA ASP B 38 -24.30 22.74 14.14
C ASP B 38 -24.42 22.97 12.64
N MET B 39 -25.08 22.04 11.96
CA MET B 39 -25.16 22.07 10.50
C MET B 39 -25.75 23.37 9.97
N GLU B 40 -26.60 24.00 10.78
CA GLU B 40 -27.23 25.26 10.39
C GLU B 40 -26.21 26.39 10.24
N LYS B 41 -25.03 26.20 10.84
CA LYS B 41 -24.00 27.22 10.80
C LYS B 41 -23.00 26.96 9.67
N PHE B 42 -23.34 26.04 8.77
CA PHE B 42 -22.44 25.68 7.68
C PHE B 42 -23.16 25.40 6.37
N SER B 43 -22.46 25.64 5.27
CA SER B 43 -22.92 25.23 3.95
C SER B 43 -22.16 23.96 3.58
N PHE B 44 -22.89 22.85 3.49
CA PHE B 44 -22.27 21.55 3.27
C PHE B 44 -21.97 21.30 1.78
N ASP B 45 -20.76 20.81 1.50
CA ASP B 45 -20.38 20.44 0.14
C ASP B 45 -19.94 18.98 0.08
N SER B 46 -20.68 18.16 -0.65
CA SER B 46 -20.43 16.73 -0.70
C SER B 46 -19.47 16.32 -1.83
N ASN B 47 -19.15 17.26 -2.71
CA ASN B 47 -18.28 16.97 -3.86
C ASN B 47 -16.86 16.53 -3.49
N PRO B 48 -16.26 17.15 -2.47
CA PRO B 48 -14.93 16.71 -2.05
C PRO B 48 -14.93 15.34 -1.36
N ILE B 49 -16.12 14.78 -1.10
CA ILE B 49 -16.21 13.44 -0.52
C ILE B 49 -15.92 12.38 -1.57
N ASN B 50 -14.75 11.75 -1.48
CA ASN B 50 -14.32 10.78 -2.48
C ASN B 50 -15.02 9.43 -2.38
N LEU B 51 -16.10 9.26 -3.14
CA LEU B 51 -16.88 8.03 -3.11
C LEU B 51 -16.11 6.79 -3.60
N LEU B 52 -15.29 6.97 -4.63
CA LEU B 52 -14.49 5.87 -5.14
C LEU B 52 -13.65 5.28 -4.01
N GLU B 53 -12.97 6.15 -3.27
CA GLU B 53 -12.13 5.72 -2.16
C GLU B 53 -12.93 5.08 -1.04
N LEU B 54 -14.08 5.68 -0.71
CA LEU B 54 -14.96 5.12 0.31
C LEU B 54 -15.31 3.68 -0.08
N VAL B 55 -15.78 3.51 -1.31
CA VAL B 55 -16.17 2.19 -1.81
C VAL B 55 -15.00 1.21 -1.74
N LYS B 56 -13.81 1.66 -2.10
CA LYS B 56 -12.62 0.81 -2.05
C LYS B 56 -12.29 0.41 -0.61
N GLN B 57 -12.38 1.36 0.30
CA GLN B 57 -12.16 1.08 1.71
C GLN B 57 -13.20 0.06 2.20
N PHE B 58 -14.47 0.33 1.90
CA PHE B 58 -15.53 -0.57 2.28
C PHE B 58 -15.26 -2.00 1.81
N ASN B 59 -14.91 -2.16 0.54
CA ASN B 59 -14.64 -3.48 0.00
C ASN B 59 -13.52 -4.21 0.75
N LEU B 60 -12.47 -3.48 1.10
CA LEU B 60 -11.39 -4.03 1.91
C LEU B 60 -11.90 -4.45 3.29
N TYR B 61 -12.87 -3.69 3.80
CA TYR B 61 -13.48 -3.96 5.10
C TYR B 61 -14.24 -5.29 5.03
N VAL B 62 -15.09 -5.43 4.03
CA VAL B 62 -15.81 -6.66 3.78
C VAL B 62 -14.82 -7.81 3.62
N ASP B 63 -13.77 -7.57 2.85
CA ASP B 63 -12.75 -8.58 2.59
C ASP B 63 -12.04 -8.99 3.87
N GLU B 64 -11.65 -8.00 4.66
CA GLU B 64 -10.97 -8.24 5.94
C GLU B 64 -11.88 -9.07 6.86
N LEU B 65 -13.16 -8.70 6.90
CA LEU B 65 -14.14 -9.41 7.71
C LEU B 65 -14.26 -10.86 7.25
N ALA B 66 -14.34 -11.06 5.93
CA ALA B 66 -14.46 -12.41 5.38
C ALA B 66 -13.26 -13.28 5.77
N ILE B 67 -12.07 -12.70 5.64
CA ILE B 67 -10.84 -13.41 6.00
C ILE B 67 -10.84 -13.81 7.47
N THR B 68 -11.24 -12.88 8.33
CA THR B 68 -11.25 -13.09 9.77
C THR B 68 -12.21 -14.20 10.20
N CYS B 69 -13.40 -14.18 9.61
CA CYS B 69 -14.43 -15.16 9.94
C CYS B 69 -14.01 -16.59 9.56
N GLU B 70 -13.41 -16.73 8.38
CA GLU B 70 -12.99 -18.04 7.92
C GLU B 70 -11.80 -18.56 8.72
N ALA B 71 -10.85 -17.68 9.01
CA ALA B 71 -9.65 -18.06 9.74
C ALA B 71 -9.96 -18.45 11.18
N ASN B 72 -10.84 -17.69 11.82
CA ASN B 72 -11.22 -17.95 13.21
C ASN B 72 -12.30 -19.02 13.32
N ASN B 73 -12.61 -19.67 12.20
CA ASN B 73 -13.60 -20.74 12.18
C ASN B 73 -14.96 -20.32 12.71
N VAL B 74 -15.28 -19.03 12.60
CA VAL B 74 -16.62 -18.54 12.89
C VAL B 74 -17.62 -19.33 12.03
N TRP B 75 -18.90 -19.25 12.37
CA TRP B 75 -19.91 -20.14 11.77
C TRP B 75 -19.41 -21.56 11.57
N ALA B 76 -18.62 -22.04 12.52
CA ALA B 76 -18.19 -23.42 12.56
C ALA B 76 -18.36 -23.92 13.98
N LYS B 77 -19.56 -24.44 14.27
CA LYS B 77 -19.91 -24.87 15.63
C LYS B 77 -19.96 -23.69 16.59
N THR B 83 -19.32 -31.44 5.13
CA THR B 83 -20.51 -30.76 5.67
C THR B 83 -20.82 -29.49 4.92
N PRO B 84 -22.11 -29.28 4.59
CA PRO B 84 -22.59 -28.10 3.86
C PRO B 84 -22.57 -26.85 4.72
N ASN B 85 -22.81 -25.69 4.10
CA ASN B 85 -22.76 -24.41 4.80
C ASN B 85 -24.02 -24.09 5.60
N LEU B 86 -23.99 -22.94 6.28
CA LEU B 86 -25.10 -22.48 7.12
C LEU B 86 -26.44 -22.49 6.42
N PHE B 87 -26.44 -22.20 5.12
CA PHE B 87 -27.68 -21.93 4.40
C PHE B 87 -28.29 -23.16 3.74
N ALA B 88 -27.51 -24.25 3.69
CA ALA B 88 -27.93 -25.49 3.05
C ALA B 88 -29.41 -25.84 3.26
N LEU B 89 -29.85 -25.90 4.51
CA LEU B 89 -31.22 -26.32 4.82
C LEU B 89 -32.28 -25.29 4.44
N TYR B 90 -31.85 -24.12 3.96
CA TYR B 90 -32.80 -23.07 3.63
C TYR B 90 -32.95 -22.87 2.13
N ASP B 91 -32.33 -23.75 1.34
CA ASP B 91 -32.46 -23.71 -0.10
C ASP B 91 -33.78 -24.35 -0.52
N ASN B 92 -34.59 -23.60 -1.26
CA ASN B 92 -35.88 -24.12 -1.73
C ASN B 92 -35.93 -24.26 -3.25
N SER B 93 -34.86 -23.84 -3.92
CA SER B 93 -34.75 -24.03 -5.36
C SER B 93 -34.55 -25.51 -5.65
N GLY B 94 -35.14 -26.00 -6.73
CA GLY B 94 -35.01 -27.40 -7.07
C GLY B 94 -33.71 -27.69 -7.79
N GLY B 95 -32.65 -27.00 -7.38
CA GLY B 95 -31.38 -27.10 -8.08
C GLY B 95 -31.45 -26.33 -9.39
N GLU B 96 -32.43 -25.45 -9.50
CA GLU B 96 -32.63 -24.64 -10.69
C GLU B 96 -31.66 -23.46 -10.71
N ALA B 97 -31.32 -23.00 -11.91
CA ALA B 97 -30.40 -21.88 -12.06
C ALA B 97 -31.11 -20.55 -11.82
N ILE B 98 -30.44 -19.65 -11.11
CA ILE B 98 -30.98 -18.35 -10.78
C ILE B 98 -29.95 -17.27 -11.11
N HIS B 99 -30.18 -16.57 -12.21
CA HIS B 99 -29.24 -15.55 -12.68
C HIS B 99 -27.85 -16.12 -12.88
N GLY B 100 -27.78 -17.24 -13.59
CA GLY B 100 -26.51 -17.83 -13.96
C GLY B 100 -25.87 -18.66 -12.86
N HIS B 101 -26.54 -18.75 -11.71
CA HIS B 101 -26.04 -19.55 -10.60
C HIS B 101 -27.10 -20.50 -10.08
N ALA B 102 -26.67 -21.70 -9.70
CA ALA B 102 -27.54 -22.63 -9.00
C ALA B 102 -27.02 -22.79 -7.58
N PHE B 103 -27.92 -22.92 -6.61
CA PHE B 103 -27.51 -23.05 -5.22
C PHE B 103 -26.60 -24.26 -5.02
N VAL B 104 -25.43 -24.03 -4.43
CA VAL B 104 -24.50 -25.10 -4.12
C VAL B 104 -24.17 -25.08 -2.63
N PRO B 105 -24.56 -26.14 -1.91
CA PRO B 105 -24.43 -26.27 -0.46
C PRO B 105 -23.00 -26.08 0.06
N TYR B 106 -22.02 -26.18 -0.83
CA TYR B 106 -20.63 -26.21 -0.41
C TYR B 106 -19.87 -24.90 -0.60
N TYR B 107 -20.58 -23.86 -1.05
CA TYR B 107 -19.98 -22.53 -1.09
C TYR B 107 -19.58 -22.17 0.33
N LYS B 108 -18.39 -21.61 0.50
CA LYS B 108 -17.96 -21.16 1.82
C LYS B 108 -18.64 -19.84 2.17
N GLU B 109 -19.11 -19.72 3.40
CA GLU B 109 -19.86 -18.54 3.83
C GLU B 109 -19.11 -17.23 3.56
N SER B 110 -17.79 -17.26 3.69
CA SER B 110 -16.98 -16.06 3.48
C SER B 110 -16.97 -15.64 2.01
N ILE B 111 -17.13 -16.61 1.11
CA ILE B 111 -17.29 -16.28 -0.31
C ILE B 111 -18.64 -15.62 -0.54
N VAL B 112 -19.67 -16.21 0.04
CA VAL B 112 -21.03 -15.69 -0.10
C VAL B 112 -21.12 -14.26 0.44
N LEU B 113 -20.43 -14.02 1.55
CA LEU B 113 -20.39 -12.69 2.16
C LEU B 113 -19.87 -11.64 1.18
N ARG B 114 -18.75 -11.96 0.53
CA ARG B 114 -18.13 -11.04 -0.41
C ARG B 114 -19.05 -10.72 -1.58
N ARG B 115 -19.68 -11.75 -2.14
CA ARG B 115 -20.56 -11.58 -3.28
C ARG B 115 -21.80 -10.77 -2.92
N LEU B 116 -22.19 -10.84 -1.64
CA LEU B 116 -23.42 -10.20 -1.21
C LEU B 116 -23.26 -8.73 -0.81
N PHE B 117 -22.07 -8.33 -0.39
CA PHE B 117 -21.90 -6.98 0.17
C PHE B 117 -20.82 -6.13 -0.50
N THR B 118 -20.15 -6.69 -1.49
CA THR B 118 -19.16 -5.94 -2.24
C THR B 118 -19.84 -4.91 -3.14
N VAL B 119 -19.27 -3.71 -3.20
CA VAL B 119 -19.82 -2.65 -4.03
C VAL B 119 -18.92 -2.39 -5.24
N ASP B 120 -19.51 -2.46 -6.44
CA ASP B 120 -18.76 -2.28 -7.67
C ASP B 120 -18.26 -0.84 -7.80
N PRO B 121 -16.93 -0.66 -7.88
CA PRO B 121 -16.30 0.66 -7.97
C PRO B 121 -16.66 1.41 -9.24
N ASN B 122 -16.93 0.70 -10.33
CA ASN B 122 -17.23 1.35 -11.60
C ASN B 122 -18.67 1.83 -11.75
N THR B 123 -19.55 1.36 -10.87
CA THR B 123 -20.96 1.74 -10.94
C THR B 123 -21.51 2.22 -9.60
N PHE B 124 -20.83 1.83 -8.52
CA PHE B 124 -21.29 2.12 -7.17
C PHE B 124 -22.52 1.27 -6.84
N ASN B 125 -22.68 0.17 -7.56
CA ASN B 125 -23.81 -0.72 -7.34
C ASN B 125 -23.50 -1.93 -6.47
N LEU B 126 -24.47 -2.33 -5.67
CA LEU B 126 -24.32 -3.49 -4.79
C LEU B 126 -24.16 -4.77 -5.59
N SER B 127 -23.33 -5.68 -5.08
CA SER B 127 -23.19 -7.00 -5.68
C SER B 127 -24.44 -7.83 -5.38
N ARG B 128 -24.81 -8.68 -6.31
CA ARG B 128 -25.96 -9.57 -6.13
C ARG B 128 -25.56 -11.03 -6.22
N PHE B 129 -26.19 -11.85 -5.39
CA PHE B 129 -26.02 -13.30 -5.46
C PHE B 129 -27.39 -13.95 -5.31
N ALA B 130 -28.14 -13.94 -6.40
CA ALA B 130 -29.56 -14.29 -6.39
C ALA B 130 -29.86 -15.69 -5.84
N ALA B 131 -28.89 -16.59 -5.96
CA ALA B 131 -29.13 -17.97 -5.51
C ALA B 131 -29.00 -18.09 -4.00
N PHE B 132 -28.43 -17.06 -3.37
CA PHE B 132 -28.24 -17.07 -1.92
C PHE B 132 -29.06 -16.03 -1.19
N GLU B 133 -29.74 -15.17 -1.94
CA GLU B 133 -30.52 -14.10 -1.34
C GLU B 133 -31.72 -14.66 -0.57
N GLY B 134 -32.32 -15.72 -1.09
CA GLY B 134 -33.44 -16.37 -0.43
C GLY B 134 -33.01 -17.11 0.82
N PRO B 135 -32.19 -18.16 0.65
CA PRO B 135 -31.68 -18.92 1.81
C PRO B 135 -31.11 -18.01 2.89
N CYS B 136 -30.33 -17.00 2.51
CA CYS B 136 -29.73 -16.12 3.52
C CYS B 136 -30.77 -15.30 4.28
N GLN B 137 -31.89 -14.98 3.62
CA GLN B 137 -32.94 -14.22 4.30
C GLN B 137 -33.66 -15.12 5.30
N LEU B 138 -34.00 -16.34 4.87
CA LEU B 138 -34.60 -17.32 5.76
C LEU B 138 -33.66 -17.63 6.92
N TYR B 139 -32.39 -17.83 6.61
CA TYR B 139 -31.43 -18.12 7.68
C TYR B 139 -31.41 -17.00 8.72
N CYS B 140 -31.39 -15.75 8.24
CA CYS B 140 -31.38 -14.59 9.13
C CYS B 140 -32.62 -14.54 10.01
N ALA B 141 -33.77 -14.83 9.41
CA ALA B 141 -35.02 -14.78 10.14
C ALA B 141 -35.02 -15.78 11.29
N ALA B 142 -34.37 -16.92 11.08
CA ALA B 142 -34.40 -18.01 12.04
C ALA B 142 -33.19 -18.04 12.96
N HIS B 143 -32.18 -17.23 12.64
CA HIS B 143 -30.94 -17.22 13.42
C HIS B 143 -30.53 -15.82 13.85
N ALA B 144 -31.45 -15.08 14.45
CA ALA B 144 -31.08 -13.82 15.06
C ALA B 144 -30.06 -14.15 16.14
N ASP B 145 -29.14 -13.23 16.40
CA ASP B 145 -28.13 -13.47 17.42
C ASP B 145 -26.94 -14.26 16.87
N SER B 146 -27.06 -14.72 15.64
CA SER B 146 -25.96 -15.41 14.98
C SER B 146 -24.89 -14.43 14.50
N ALA B 147 -23.66 -14.91 14.39
CA ALA B 147 -22.57 -14.09 13.86
C ALA B 147 -22.92 -13.52 12.50
N TRP B 148 -23.56 -14.34 11.66
CA TRP B 148 -23.92 -13.92 10.31
C TRP B 148 -24.87 -12.72 10.30
N VAL B 149 -25.88 -12.74 11.16
CA VAL B 149 -26.83 -11.65 11.20
C VAL B 149 -26.18 -10.37 11.74
N LYS B 150 -25.30 -10.54 12.73
CA LYS B 150 -24.53 -9.43 13.25
C LYS B 150 -23.76 -8.78 12.10
N ILE B 151 -22.99 -9.61 11.40
CA ILE B 151 -22.18 -9.19 10.27
C ILE B 151 -23.01 -8.57 9.15
N GLN B 152 -24.12 -9.21 8.81
CA GLN B 152 -24.99 -8.73 7.74
C GLN B 152 -25.57 -7.36 8.10
N THR B 153 -25.89 -7.16 9.37
CA THR B 153 -26.41 -5.89 9.84
C THR B 153 -25.34 -4.81 9.70
N LEU B 154 -24.10 -5.17 10.04
CA LEU B 154 -22.98 -4.25 9.97
C LEU B 154 -22.76 -3.81 8.52
N LEU B 155 -22.67 -4.77 7.60
CA LEU B 155 -22.40 -4.46 6.20
C LEU B 155 -23.55 -3.72 5.52
N THR B 156 -24.80 -4.05 5.84
CA THR B 156 -25.92 -3.32 5.26
C THR B 156 -25.84 -1.83 5.64
N LEU B 157 -25.62 -1.56 6.92
CA LEU B 157 -25.49 -0.17 7.37
C LEU B 157 -24.37 0.54 6.61
N GLY B 158 -23.24 -0.13 6.45
CA GLY B 158 -22.14 0.40 5.65
C GLY B 158 -22.59 0.79 4.25
N ASN B 159 -23.36 -0.10 3.61
CA ASN B 159 -23.93 0.19 2.30
C ASN B 159 -24.82 1.42 2.29
N GLY B 160 -25.71 1.51 3.26
CA GLY B 160 -26.63 2.62 3.36
C GLY B 160 -25.92 3.94 3.51
N ILE B 161 -24.73 3.89 4.11
CA ILE B 161 -23.90 5.08 4.23
C ILE B 161 -23.44 5.50 2.84
N ILE B 162 -22.97 4.54 2.06
CA ILE B 162 -22.56 4.80 0.70
C ILE B 162 -23.77 5.21 -0.14
N ASN B 163 -24.91 4.60 0.13
CA ASN B 163 -26.13 4.91 -0.61
C ASN B 163 -26.60 6.34 -0.37
N THR B 164 -26.63 6.74 0.90
CA THR B 164 -27.05 8.09 1.27
C THR B 164 -26.12 9.15 0.69
N LEU B 165 -24.83 8.87 0.64
CA LEU B 165 -23.86 9.79 0.04
C LEU B 165 -24.09 9.95 -1.46
N LYS B 166 -24.44 8.85 -2.13
CA LYS B 166 -24.79 8.93 -3.54
C LYS B 166 -25.98 9.87 -3.71
N ILE B 167 -26.96 9.74 -2.82
CA ILE B 167 -28.17 10.56 -2.86
C ILE B 167 -27.86 12.02 -2.55
N ILE B 168 -27.06 12.27 -1.52
CA ILE B 168 -26.68 13.64 -1.17
C ILE B 168 -25.95 14.29 -2.34
N LYS B 169 -25.04 13.53 -2.94
CA LYS B 169 -24.29 14.01 -4.09
C LYS B 169 -25.22 14.36 -5.24
N GLN B 170 -26.17 13.47 -5.52
CA GLN B 170 -27.11 13.71 -6.60
C GLN B 170 -28.00 14.91 -6.30
N ALA B 171 -28.49 14.95 -5.05
CA ALA B 171 -29.36 16.05 -4.62
C ALA B 171 -28.68 17.40 -4.73
N GLN B 172 -27.39 17.45 -4.38
CA GLN B 172 -26.64 18.70 -4.45
C GLN B 172 -26.46 19.15 -5.89
N ALA B 173 -26.16 18.22 -6.79
CA ALA B 173 -25.97 18.51 -8.20
C ALA B 173 -27.15 19.31 -8.75
N PHE B 174 -28.35 18.81 -8.48
CA PHE B 174 -29.55 19.57 -8.78
C PHE B 174 -29.87 20.44 -7.55
N GLY B 175 -30.84 21.34 -7.67
CA GLY B 175 -31.05 22.32 -6.61
C GLY B 175 -31.81 21.84 -5.38
N ILE B 176 -31.88 20.53 -5.19
CA ILE B 176 -32.72 19.97 -4.14
C ILE B 176 -32.12 20.10 -2.74
N ASP B 177 -32.16 21.32 -2.20
CA ASP B 177 -31.51 21.63 -0.93
C ASP B 177 -32.13 20.93 0.28
N GLU B 178 -33.45 20.76 0.27
CA GLU B 178 -34.13 20.10 1.38
C GLU B 178 -33.66 18.65 1.51
N ALA B 179 -33.37 18.03 0.38
CA ALA B 179 -32.95 16.63 0.37
C ALA B 179 -31.56 16.46 0.97
N VAL B 180 -30.73 17.48 0.81
CA VAL B 180 -29.40 17.47 1.40
C VAL B 180 -29.49 17.60 2.93
N THR B 181 -30.33 18.50 3.40
CA THR B 181 -30.50 18.69 4.83
C THR B 181 -31.04 17.43 5.49
N GLU B 182 -32.06 16.84 4.90
CA GLU B 182 -32.67 15.62 5.44
C GLU B 182 -31.71 14.45 5.46
N ASN B 183 -30.99 14.26 4.36
CA ASN B 183 -30.06 13.14 4.24
C ASN B 183 -28.77 13.30 5.05
N LEU B 184 -28.44 14.53 5.42
CA LEU B 184 -27.33 14.74 6.35
C LEU B 184 -27.73 14.25 7.74
N LYS B 185 -28.97 14.51 8.12
CA LYS B 185 -29.49 14.00 9.38
C LYS B 185 -29.53 12.48 9.32
N ALA B 186 -29.99 11.95 8.20
CA ALA B 186 -30.06 10.50 8.00
C ALA B 186 -28.67 9.88 8.03
N LEU B 187 -27.71 10.56 7.41
CA LEU B 187 -26.33 10.13 7.41
C LEU B 187 -25.83 9.95 8.83
N LYS B 188 -26.07 10.96 9.66
CA LYS B 188 -25.59 10.95 11.04
C LYS B 188 -26.04 9.69 11.79
N GLU B 189 -27.32 9.36 11.71
CA GLU B 189 -27.83 8.16 12.38
C GLU B 189 -27.13 6.89 11.92
N GLN B 190 -26.94 6.76 10.62
CA GLN B 190 -26.33 5.57 10.06
C GLN B 190 -24.90 5.39 10.56
N PHE B 191 -24.16 6.49 10.63
CA PHE B 191 -22.82 6.48 11.23
C PHE B 191 -22.88 5.88 12.63
N ILE B 192 -23.73 6.45 13.48
CA ILE B 192 -23.90 5.99 14.85
C ILE B 192 -24.42 4.56 14.92
N ALA B 193 -25.35 4.23 14.02
CA ALA B 193 -25.89 2.88 13.97
C ALA B 193 -24.80 1.89 13.58
N PHE B 194 -23.91 2.33 12.69
CA PHE B 194 -22.81 1.51 12.22
C PHE B 194 -21.83 1.23 13.36
N GLN B 195 -21.52 2.26 14.13
CA GLN B 195 -20.62 2.12 15.27
C GLN B 195 -21.18 1.16 16.33
N LEU B 196 -22.49 1.21 16.54
CA LEU B 196 -23.15 0.26 17.43
C LEU B 196 -22.97 -1.16 16.91
N ALA B 197 -23.27 -1.36 15.63
CA ALA B 197 -23.11 -2.68 15.03
C ALA B 197 -21.66 -3.15 15.09
N GLU B 198 -20.73 -2.20 14.99
CA GLU B 198 -19.31 -2.54 15.01
C GLU B 198 -18.85 -2.97 16.40
N ALA B 199 -19.36 -2.29 17.43
CA ALA B 199 -19.01 -2.61 18.80
C ALA B 199 -19.55 -3.98 19.17
N ASP B 200 -20.73 -4.30 18.67
CA ASP B 200 -21.38 -5.56 18.99
C ASP B 200 -20.67 -6.74 18.34
N ILE B 201 -20.28 -6.58 17.09
CA ILE B 201 -19.59 -7.63 16.36
C ILE B 201 -18.23 -7.91 17.01
N LYS B 202 -17.59 -6.85 17.52
CA LYS B 202 -16.31 -6.96 18.20
C LYS B 202 -16.42 -7.79 19.48
N GLU B 203 -17.39 -7.43 20.32
CA GLU B 203 -17.56 -8.06 21.62
C GLU B 203 -18.04 -9.51 21.48
N SER B 204 -18.86 -9.75 20.47
CA SER B 204 -19.45 -11.07 20.28
C SER B 204 -18.61 -11.94 19.35
N LEU B 205 -17.30 -11.78 19.42
CA LEU B 205 -16.40 -12.55 18.57
C LEU B 205 -15.11 -12.92 19.28
N ASN B 216 -10.16 -27.96 1.20
CA ASN B 216 -9.07 -27.16 1.74
C ASN B 216 -8.08 -26.74 0.66
N LYS B 217 -7.38 -27.72 0.10
CA LYS B 217 -6.42 -27.45 -0.97
C LYS B 217 -7.05 -27.72 -2.32
N GLU B 218 -8.19 -28.42 -2.30
CA GLU B 218 -8.88 -28.80 -3.52
C GLU B 218 -9.58 -27.60 -4.17
N SER B 219 -9.73 -26.52 -3.41
CA SER B 219 -10.41 -25.32 -3.88
C SER B 219 -10.24 -24.15 -2.92
N GLU B 220 -10.70 -22.98 -3.34
CA GLU B 220 -10.65 -21.80 -2.49
C GLU B 220 -12.03 -21.16 -2.36
N PHE B 221 -13.01 -21.73 -3.06
CA PHE B 221 -14.36 -21.20 -3.05
C PHE B 221 -15.35 -22.15 -2.37
N PHE B 222 -15.00 -23.43 -2.32
CA PHE B 222 -15.89 -24.45 -1.76
C PHE B 222 -15.24 -25.23 -0.64
N TYR B 223 -16.08 -25.73 0.27
CA TYR B 223 -15.63 -26.71 1.25
C TYR B 223 -15.32 -27.99 0.48
N PRO B 224 -14.60 -28.92 1.12
CA PRO B 224 -14.32 -30.21 0.49
C PRO B 224 -15.61 -30.92 0.07
N ILE B 225 -15.60 -31.51 -1.13
CA ILE B 225 -16.76 -32.23 -1.62
C ILE B 225 -16.38 -33.67 -1.96
N ASP B 226 -16.89 -34.62 -1.17
CA ASP B 226 -16.54 -36.03 -1.36
C ASP B 226 -17.15 -36.61 -2.64
N GLU B 227 -16.83 -37.87 -2.91
CA GLU B 227 -17.25 -38.53 -4.13
C GLU B 227 -18.77 -38.63 -4.23
N LYS B 228 -19.42 -38.96 -3.12
CA LYS B 228 -20.87 -39.11 -3.09
C LYS B 228 -21.58 -37.77 -3.26
N ALA B 229 -21.04 -36.75 -2.62
CA ALA B 229 -21.65 -35.41 -2.65
C ALA B 229 -21.75 -34.86 -4.06
N LEU B 230 -20.65 -34.92 -4.80
CA LEU B 230 -20.63 -34.46 -6.19
C LEU B 230 -21.68 -35.20 -7.01
N ALA B 231 -21.77 -36.50 -6.80
CA ALA B 231 -22.65 -37.35 -7.58
C ALA B 231 -24.13 -36.99 -7.43
N LYS B 232 -24.46 -36.32 -6.33
CA LYS B 232 -25.85 -35.96 -6.06
C LYS B 232 -26.27 -34.71 -6.83
N MET B 233 -25.32 -33.82 -7.07
CA MET B 233 -25.61 -32.55 -7.73
C MET B 233 -25.98 -32.70 -9.19
N ASN B 234 -26.92 -31.87 -9.64
CA ASN B 234 -27.35 -31.88 -11.03
C ASN B 234 -26.38 -31.14 -11.95
N GLY B 235 -26.77 -30.98 -13.21
CA GLY B 235 -25.92 -30.32 -14.19
C GLY B 235 -25.68 -28.86 -13.88
N TYR B 236 -26.76 -28.15 -13.55
CA TYR B 236 -26.68 -26.73 -13.23
C TYR B 236 -25.67 -26.49 -12.12
N GLN B 237 -25.78 -27.28 -11.05
CA GLN B 237 -24.90 -27.12 -9.88
C GLN B 237 -23.45 -27.42 -10.23
N LEU B 238 -23.21 -28.53 -10.92
CA LEU B 238 -21.86 -28.89 -11.35
C LEU B 238 -21.28 -27.82 -12.26
N ALA B 239 -22.12 -27.23 -13.10
CA ALA B 239 -21.69 -26.18 -14.00
C ALA B 239 -21.25 -24.94 -13.24
N THR B 240 -22.06 -24.51 -12.27
CA THR B 240 -21.74 -23.34 -11.47
C THR B 240 -20.40 -23.51 -10.77
N ILE B 241 -20.15 -24.72 -10.27
CA ILE B 241 -18.87 -25.04 -9.64
C ILE B 241 -17.73 -24.84 -10.63
N CYS B 242 -17.87 -25.40 -11.82
CA CYS B 242 -16.89 -25.22 -12.88
C CYS B 242 -16.66 -23.74 -13.20
N LEU B 243 -17.74 -23.04 -13.56
CA LEU B 243 -17.65 -21.62 -13.83
C LEU B 243 -16.93 -20.90 -12.70
N GLU B 244 -17.19 -21.33 -11.46
CA GLU B 244 -16.64 -20.69 -10.29
C GLU B 244 -15.14 -20.96 -10.12
N GLU B 245 -14.74 -22.21 -10.33
CA GLU B 245 -13.34 -22.60 -10.16
C GLU B 245 -12.39 -21.85 -11.09
N LEU B 246 -12.88 -21.44 -12.25
CA LEU B 246 -12.04 -20.72 -13.21
C LEU B 246 -11.62 -19.33 -12.73
N ASN B 247 -12.22 -18.87 -11.65
CA ASN B 247 -11.81 -17.60 -11.05
C ASN B 247 -10.48 -17.73 -10.32
N SER B 248 -9.93 -18.94 -10.31
CA SER B 248 -8.62 -19.18 -9.73
C SER B 248 -7.54 -19.15 -10.81
N PRO B 249 -6.39 -18.54 -10.49
CA PRO B 249 -5.30 -18.38 -11.45
C PRO B 249 -4.98 -19.69 -12.16
N LYS B 250 -4.63 -20.72 -11.38
CA LYS B 250 -4.32 -22.03 -11.92
C LYS B 250 -5.50 -22.98 -11.79
N PRO B 251 -5.52 -24.05 -12.59
CA PRO B 251 -6.58 -25.06 -12.56
C PRO B 251 -6.62 -25.77 -11.21
N SER B 252 -7.80 -25.84 -10.61
CA SER B 252 -7.96 -26.42 -9.28
C SER B 252 -8.17 -27.92 -9.35
N PRO B 253 -7.70 -28.65 -8.33
CA PRO B 253 -7.94 -30.09 -8.25
C PRO B 253 -9.42 -30.41 -8.35
N LEU B 254 -10.26 -29.47 -7.90
CA LEU B 254 -11.70 -29.69 -7.87
C LEU B 254 -12.28 -29.72 -9.28
N ILE B 255 -11.89 -28.74 -10.09
CA ILE B 255 -12.35 -28.66 -11.47
C ILE B 255 -11.80 -29.83 -12.29
N GLU B 256 -10.56 -30.23 -11.97
CA GLU B 256 -9.94 -31.37 -12.64
C GLU B 256 -10.70 -32.65 -12.32
N ARG B 257 -11.04 -32.84 -11.05
CA ARG B 257 -11.75 -34.04 -10.62
C ARG B 257 -13.12 -34.16 -11.28
N ILE B 258 -13.82 -33.04 -11.37
CA ILE B 258 -15.14 -33.00 -12.00
C ILE B 258 -15.07 -33.29 -13.51
N LEU B 259 -14.05 -32.76 -14.17
CA LEU B 259 -13.93 -32.92 -15.62
C LEU B 259 -13.35 -34.27 -16.02
N SER B 260 -12.37 -34.76 -15.27
CA SER B 260 -11.75 -36.05 -15.57
C SER B 260 -12.78 -37.17 -15.49
N ASN B 261 -13.61 -37.13 -14.46
CA ASN B 261 -14.70 -38.09 -14.31
C ASN B 261 -15.69 -37.94 -15.46
N LYS B 262 -16.17 -39.06 -15.99
CA LYS B 262 -16.98 -39.03 -17.19
C LYS B 262 -18.49 -39.02 -16.93
N LYS B 263 -18.90 -39.57 -15.80
CA LYS B 263 -20.32 -39.70 -15.49
C LYS B 263 -21.01 -38.35 -15.27
N PHE B 264 -20.21 -37.30 -15.13
CA PHE B 264 -20.76 -35.97 -14.88
C PHE B 264 -21.09 -35.20 -16.16
N TRP B 265 -20.31 -35.44 -17.21
CA TRP B 265 -20.33 -34.60 -18.40
C TRP B 265 -21.68 -34.45 -19.11
N LYS B 266 -22.36 -35.57 -19.33
CA LYS B 266 -23.65 -35.53 -20.02
C LYS B 266 -24.61 -34.56 -19.32
N ARG B 267 -24.45 -34.45 -18.01
CA ARG B 267 -25.33 -33.63 -17.18
C ARG B 267 -24.91 -32.17 -17.18
N ILE B 268 -23.60 -31.93 -17.06
CA ILE B 268 -23.05 -30.59 -17.08
C ILE B 268 -23.33 -29.91 -18.42
N ASN B 269 -22.95 -30.59 -19.50
CA ASN B 269 -23.10 -30.06 -20.84
C ASN B 269 -24.53 -29.63 -21.15
N SER B 270 -25.48 -30.50 -20.83
CA SER B 270 -26.90 -30.22 -21.06
C SER B 270 -27.30 -28.87 -20.46
N ALA B 271 -26.72 -28.55 -19.30
CA ALA B 271 -27.04 -27.30 -18.61
C ALA B 271 -26.36 -26.11 -19.29
N PHE B 272 -25.22 -26.37 -19.91
CA PHE B 272 -24.55 -25.35 -20.70
C PHE B 272 -25.41 -24.97 -21.90
N GLU B 273 -25.85 -25.97 -22.65
CA GLU B 273 -26.64 -25.73 -23.87
C GLU B 273 -28.06 -25.28 -23.55
N SER B 274 -28.28 -24.91 -22.29
CA SER B 274 -29.59 -24.44 -21.85
C SER B 274 -29.71 -22.92 -21.99
N GLY B 275 -28.58 -22.23 -21.97
CA GLY B 275 -28.56 -20.80 -22.07
C GLY B 275 -28.91 -20.10 -20.77
N VAL B 276 -28.85 -20.86 -19.66
CA VAL B 276 -29.16 -20.29 -18.36
C VAL B 276 -27.98 -19.49 -17.81
N PHE B 277 -26.84 -19.59 -18.49
CA PHE B 277 -25.63 -18.89 -18.06
C PHE B 277 -25.29 -17.72 -18.99
N LYS B 278 -26.14 -17.49 -19.98
CA LYS B 278 -25.91 -16.46 -20.98
C LYS B 278 -25.75 -15.06 -20.37
N GLY B 279 -26.54 -14.78 -19.34
CA GLY B 279 -26.59 -13.45 -18.75
C GLY B 279 -25.48 -13.15 -17.76
N ARG B 280 -24.66 -14.16 -17.45
CA ARG B 280 -23.57 -13.95 -16.50
C ARG B 280 -22.61 -12.88 -16.98
N THR B 281 -21.87 -12.29 -16.06
CA THR B 281 -21.03 -11.14 -16.37
C THR B 281 -19.55 -11.49 -16.29
N ASP B 282 -19.25 -12.74 -15.99
CA ASP B 282 -17.87 -13.20 -15.92
C ASP B 282 -17.45 -13.90 -17.20
N ASP B 283 -18.04 -13.47 -18.31
CA ASP B 283 -17.73 -14.01 -19.62
C ASP B 283 -18.03 -15.51 -19.68
N PRO B 284 -19.31 -15.87 -19.57
CA PRO B 284 -19.72 -17.28 -19.61
C PRO B 284 -19.28 -17.98 -20.89
N ALA B 285 -19.49 -17.35 -22.03
CA ALA B 285 -19.14 -17.95 -23.32
C ALA B 285 -17.70 -18.43 -23.37
N GLY B 286 -16.78 -17.58 -22.92
CA GLY B 286 -15.37 -17.93 -22.89
C GLY B 286 -15.05 -18.99 -21.87
N LYS B 287 -15.68 -18.88 -20.70
CA LYS B 287 -15.50 -19.87 -19.64
C LYS B 287 -16.01 -21.23 -20.09
N ILE B 288 -17.19 -21.25 -20.70
CA ILE B 288 -17.78 -22.49 -21.19
C ILE B 288 -16.91 -23.15 -22.25
N ALA B 289 -16.36 -22.36 -23.15
CA ALA B 289 -15.49 -22.88 -24.21
C ALA B 289 -14.22 -23.45 -23.61
N LYS B 290 -13.73 -22.83 -22.55
CA LYS B 290 -12.50 -23.29 -21.89
C LYS B 290 -12.72 -24.61 -21.16
N ILE B 291 -13.85 -24.72 -20.48
CA ILE B 291 -14.15 -25.95 -19.76
C ILE B 291 -14.24 -27.10 -20.76
N ARG B 292 -14.79 -26.83 -21.93
CA ARG B 292 -14.91 -27.82 -22.98
C ARG B 292 -13.54 -28.24 -23.53
N GLU B 293 -12.57 -27.33 -23.49
CA GLU B 293 -11.20 -27.66 -23.86
C GLU B 293 -10.59 -28.64 -22.86
N TRP B 294 -10.76 -28.32 -21.57
CA TRP B 294 -10.19 -29.13 -20.50
C TRP B 294 -10.82 -30.51 -20.45
N HIS B 295 -12.11 -30.59 -20.79
CA HIS B 295 -12.81 -31.86 -20.83
C HIS B 295 -12.30 -32.73 -21.96
N GLN B 296 -12.33 -32.19 -23.18
CA GLN B 296 -11.82 -32.90 -24.34
C GLN B 296 -10.37 -33.33 -24.13
N LEU B 297 -9.62 -32.50 -23.42
CA LEU B 297 -8.21 -32.76 -23.15
C LEU B 297 -8.01 -33.97 -22.23
N LEU B 298 -8.93 -34.16 -21.29
CA LEU B 298 -8.80 -35.24 -20.31
C LEU B 298 -9.44 -36.54 -20.79
N GLN B 299 -10.46 -36.43 -21.64
CA GLN B 299 -11.22 -37.57 -22.10
C GLN B 299 -10.40 -38.52 -22.98
N ILE B 300 -9.12 -38.20 -23.18
CA ILE B 300 -8.25 -38.99 -24.03
C ILE B 300 -7.54 -40.11 -23.26
N SER B 301 -6.91 -39.75 -22.15
CA SER B 301 -6.18 -40.72 -21.33
C SER B 301 -6.81 -40.87 -19.95
N GLU C 1 54.63 12.79 -4.70
CA GLU C 1 53.70 11.95 -3.96
C GLU C 1 52.25 12.33 -4.25
N GLU C 2 51.37 11.34 -4.19
CA GLU C 2 49.95 11.58 -4.31
C GLU C 2 49.41 12.08 -2.97
N LEU C 3 50.00 11.58 -1.89
CA LEU C 3 49.61 11.96 -0.53
C LEU C 3 49.75 13.47 -0.34
N TYR C 4 50.86 14.01 -0.79
CA TYR C 4 51.11 15.45 -0.69
C TYR C 4 50.04 16.27 -1.38
N GLN C 5 49.61 15.82 -2.56
CA GLN C 5 48.54 16.50 -3.28
C GLN C 5 47.19 16.30 -2.60
N SER C 6 46.91 15.07 -2.21
CA SER C 6 45.61 14.71 -1.63
C SER C 6 45.41 15.30 -0.23
N ILE C 7 46.49 15.40 0.52
CA ILE C 7 46.41 15.88 1.90
C ILE C 7 45.63 17.18 1.94
N LEU C 8 46.03 18.13 1.10
CA LEU C 8 45.39 19.44 1.09
C LEU C 8 43.90 19.35 0.81
N GLU C 9 43.55 18.77 -0.34
CA GLU C 9 42.19 18.79 -0.83
C GLU C 9 41.20 17.89 -0.07
N LEU C 10 41.62 16.67 0.25
CA LEU C 10 40.73 15.70 0.86
C LEU C 10 40.05 16.26 2.11
N LYS C 11 38.74 16.41 2.06
CA LYS C 11 38.01 17.03 3.15
C LYS C 11 37.48 16.00 4.16
N PRO C 12 37.23 16.46 5.39
CA PRO C 12 36.79 15.57 6.47
C PRO C 12 35.27 15.39 6.51
N LEU C 13 34.82 14.16 6.33
CA LEU C 13 33.39 13.85 6.40
C LEU C 13 33.12 12.85 7.51
N THR C 14 32.30 13.26 8.47
CA THR C 14 31.96 12.40 9.60
C THR C 14 30.44 12.34 9.79
N LEU C 15 29.98 11.32 10.50
CA LEU C 15 28.56 11.15 10.74
C LEU C 15 28.14 11.78 12.07
N LEU C 16 27.81 13.06 12.04
CA LEU C 16 27.34 13.76 13.23
C LEU C 16 25.95 13.24 13.63
N MET C 17 25.34 13.89 14.60
CA MET C 17 24.07 13.42 15.13
C MET C 17 23.26 14.59 15.69
N THR C 18 23.89 15.76 15.74
CA THR C 18 23.28 16.95 16.31
C THR C 18 21.93 17.30 15.70
N SER C 19 21.73 16.91 14.45
CA SER C 19 20.51 17.25 13.73
C SER C 19 19.35 16.32 14.13
N SER C 20 19.66 15.08 14.45
CA SER C 20 18.65 14.07 14.75
C SER C 20 18.14 14.15 16.19
N THR C 21 16.94 13.62 16.40
CA THR C 21 16.35 13.53 17.73
C THR C 21 15.84 12.11 17.99
N SER C 22 15.78 11.32 16.93
CA SER C 22 15.32 9.93 16.99
C SER C 22 16.31 9.02 16.30
N PHE C 23 16.07 7.71 16.35
CA PHE C 23 16.93 6.75 15.68
C PHE C 23 16.63 6.69 14.18
N SER C 24 15.38 6.95 13.83
CA SER C 24 14.95 6.91 12.43
C SER C 24 15.56 8.06 11.64
N GLU C 25 15.52 9.26 12.20
CA GLU C 25 16.10 10.43 11.57
C GLU C 25 17.60 10.25 11.32
N THR C 26 18.31 9.75 12.32
CA THR C 26 19.75 9.51 12.20
C THR C 26 20.08 8.76 10.93
N ILE C 27 19.56 7.53 10.83
CA ILE C 27 19.81 6.68 9.68
C ILE C 27 19.56 7.44 8.37
N ASN C 28 18.38 8.03 8.25
CA ASN C 28 18.03 8.79 7.05
C ASN C 28 19.04 9.88 6.70
N GLN C 29 19.47 10.62 7.72
CA GLN C 29 20.48 11.66 7.52
C GLN C 29 21.81 11.06 7.07
N TRP C 30 22.24 10.01 7.77
CA TRP C 30 23.48 9.33 7.43
C TRP C 30 23.38 8.59 6.10
N ALA C 31 22.24 7.93 5.89
CA ALA C 31 21.98 7.25 4.61
C ALA C 31 22.03 8.25 3.47
N ASP C 32 21.58 9.47 3.74
CA ASP C 32 21.65 10.56 2.77
C ASP C 32 23.11 10.89 2.45
N ILE C 33 23.83 11.36 3.47
CA ILE C 33 25.22 11.81 3.30
C ILE C 33 26.06 10.82 2.50
N LEU C 34 25.96 9.53 2.84
CA LEU C 34 26.72 8.49 2.15
C LEU C 34 26.29 8.35 0.69
N LYS C 35 25.12 8.89 0.37
CA LYS C 35 24.59 8.82 -0.99
C LYS C 35 24.92 10.10 -1.77
N THR C 36 24.69 11.25 -1.14
CA THR C 36 24.84 12.54 -1.82
C THR C 36 26.29 12.95 -2.03
N THR C 37 27.23 12.14 -1.55
CA THR C 37 28.63 12.51 -1.62
C THR C 37 29.54 11.42 -2.16
N ASP C 38 30.42 11.79 -3.08
CA ASP C 38 31.45 10.88 -3.57
C ASP C 38 32.56 10.78 -2.53
N MET C 39 32.89 9.56 -2.14
CA MET C 39 33.79 9.33 -1.01
C MET C 39 35.26 9.65 -1.27
N GLU C 40 35.69 9.60 -2.52
CA GLU C 40 37.07 9.92 -2.87
C GLU C 40 37.39 11.38 -2.59
N LYS C 41 36.36 12.23 -2.61
CA LYS C 41 36.53 13.65 -2.36
C LYS C 41 36.59 13.98 -0.87
N PHE C 42 36.34 12.98 -0.02
CA PHE C 42 36.31 13.19 1.42
C PHE C 42 37.15 12.18 2.20
N SER C 43 37.57 12.58 3.39
CA SER C 43 38.30 11.70 4.29
C SER C 43 37.45 11.42 5.52
N PHE C 44 37.05 10.16 5.68
CA PHE C 44 36.12 9.79 6.75
C PHE C 44 36.77 9.77 8.12
N ASP C 45 35.98 10.02 9.16
CA ASP C 45 36.45 9.96 10.54
C ASP C 45 35.35 9.46 11.47
N SER C 46 35.63 8.36 12.17
CA SER C 46 34.62 7.70 13.00
C SER C 46 34.63 8.17 14.46
N ASN C 47 35.69 8.84 14.87
CA ASN C 47 35.81 9.34 16.25
C ASN C 47 34.60 10.16 16.72
N PRO C 48 34.16 11.11 15.90
CA PRO C 48 33.00 11.96 16.25
C PRO C 48 31.69 11.20 16.39
N ILE C 49 31.63 9.97 15.87
CA ILE C 49 30.40 9.20 15.90
C ILE C 49 30.07 8.70 17.31
N ASN C 50 29.12 9.37 17.96
CA ASN C 50 28.71 9.02 19.31
C ASN C 50 27.93 7.71 19.36
N LEU C 51 28.64 6.61 19.57
CA LEU C 51 28.05 5.27 19.53
C LEU C 51 27.16 5.00 20.74
N LEU C 52 27.43 5.71 21.84
CA LEU C 52 26.63 5.55 23.05
C LEU C 52 25.26 6.17 22.86
N GLU C 53 25.25 7.41 22.35
CA GLU C 53 24.00 8.10 22.07
C GLU C 53 23.18 7.30 21.05
N LEU C 54 23.87 6.65 20.13
CA LEU C 54 23.20 5.85 19.10
C LEU C 54 22.48 4.66 19.70
N VAL C 55 23.13 3.99 20.66
CA VAL C 55 22.57 2.83 21.31
C VAL C 55 21.36 3.19 22.18
N LYS C 56 21.49 4.26 22.95
CA LYS C 56 20.41 4.74 23.80
C LYS C 56 19.20 5.15 22.95
N GLN C 57 19.48 5.53 21.71
CA GLN C 57 18.42 5.93 20.78
C GLN C 57 17.76 4.71 20.15
N PHE C 58 18.57 3.70 19.83
CA PHE C 58 18.05 2.45 19.29
C PHE C 58 17.11 1.79 20.28
N ASN C 59 17.50 1.79 21.55
CA ASN C 59 16.66 1.22 22.60
C ASN C 59 15.36 2.00 22.77
N LEU C 60 15.44 3.32 22.61
CA LEU C 60 14.25 4.16 22.65
C LEU C 60 13.38 3.95 21.41
N TYR C 61 13.92 3.24 20.43
CA TYR C 61 13.20 2.95 19.19
C TYR C 61 12.66 1.53 19.23
N VAL C 62 13.35 0.66 19.96
CA VAL C 62 12.89 -0.70 20.17
C VAL C 62 11.71 -0.70 21.13
N ASP C 63 11.72 0.28 22.04
CA ASP C 63 10.64 0.41 23.01
C ASP C 63 9.44 1.12 22.37
N GLU C 64 9.71 2.23 21.69
CA GLU C 64 8.67 2.99 21.02
C GLU C 64 7.86 2.11 20.07
N LEU C 65 8.51 1.10 19.50
CA LEU C 65 7.84 0.14 18.63
C LEU C 65 7.04 -0.87 19.44
N ALA C 66 7.67 -1.43 20.47
CA ALA C 66 6.98 -2.39 21.34
C ALA C 66 5.73 -1.78 21.96
N ILE C 67 5.76 -0.46 22.16
CA ILE C 67 4.62 0.28 22.70
C ILE C 67 3.49 0.37 21.66
N THR C 68 3.77 1.03 20.54
CA THR C 68 2.77 1.27 19.51
C THR C 68 2.18 -0.03 18.97
N CYS C 69 2.95 -1.11 19.07
CA CYS C 69 2.46 -2.43 18.67
C CYS C 69 1.29 -2.88 19.55
N GLU C 70 1.51 -2.91 20.86
CA GLU C 70 0.45 -3.32 21.78
C GLU C 70 -0.68 -2.30 21.81
N ALA C 71 -0.32 -1.04 21.56
CA ALA C 71 -1.32 0.03 21.49
C ALA C 71 -2.18 -0.13 20.25
N ASN C 72 -1.54 -0.39 19.11
CA ASN C 72 -2.25 -0.70 17.88
C ASN C 72 -2.57 -2.19 17.79
N ASN C 73 -2.67 -2.82 18.94
CA ASN C 73 -3.14 -4.20 19.07
C ASN C 73 -2.72 -5.15 17.94
N VAL C 74 -1.46 -5.08 17.52
CA VAL C 74 -0.94 -6.03 16.54
C VAL C 74 -0.86 -7.41 17.19
N TRP C 75 -0.52 -8.43 16.40
CA TRP C 75 -0.54 -9.82 16.88
C TRP C 75 -1.68 -10.12 17.84
N PRO C 84 -3.06 -18.11 25.29
CA PRO C 84 -2.04 -18.80 24.49
C PRO C 84 -0.91 -17.85 24.08
N ASN C 85 0.25 -18.42 23.77
CA ASN C 85 1.40 -17.63 23.36
C ASN C 85 1.98 -18.09 22.03
N LEU C 86 2.30 -17.11 21.17
CA LEU C 86 2.71 -17.39 19.80
C LEU C 86 3.85 -18.40 19.68
N PHE C 87 4.52 -18.68 20.79
CA PHE C 87 5.60 -19.65 20.80
C PHE C 87 5.23 -20.89 21.63
N ALA C 88 4.05 -20.84 22.25
CA ALA C 88 3.58 -21.94 23.09
C ALA C 88 3.66 -23.28 22.35
N LEU C 89 3.24 -23.27 21.10
CA LEU C 89 3.26 -24.48 20.27
C LEU C 89 4.67 -24.83 19.82
N TYR C 90 5.61 -23.93 20.07
CA TYR C 90 6.99 -24.13 19.64
C TYR C 90 7.90 -24.55 20.80
N ASP C 91 7.41 -24.42 22.02
CA ASP C 91 8.17 -24.81 23.20
C ASP C 91 8.50 -26.30 23.17
N ASN C 92 9.77 -26.62 23.40
CA ASN C 92 10.22 -28.00 23.29
C ASN C 92 11.21 -28.40 24.38
N SER C 93 11.18 -27.70 25.51
CA SER C 93 12.12 -27.99 26.59
C SER C 93 11.46 -28.02 27.96
N GLY C 94 10.37 -27.28 28.13
CA GLY C 94 9.64 -27.27 29.38
C GLY C 94 10.10 -26.20 30.36
N GLY C 95 11.06 -25.39 29.93
CA GLY C 95 11.52 -24.26 30.72
C GLY C 95 12.64 -24.56 31.71
N GLU C 96 12.88 -25.85 31.94
CA GLU C 96 13.86 -26.27 32.93
C GLU C 96 15.27 -25.73 32.65
N ALA C 97 15.74 -24.84 33.51
CA ALA C 97 17.12 -24.34 33.45
C ALA C 97 17.49 -23.72 32.12
N ILE C 98 16.67 -22.80 31.63
CA ILE C 98 16.93 -22.13 30.36
C ILE C 98 17.91 -20.96 30.53
N HIS C 99 19.14 -21.29 30.94
CA HIS C 99 20.16 -20.28 31.17
C HIS C 99 19.71 -19.23 32.19
N GLY C 100 18.96 -19.67 33.19
CA GLY C 100 18.48 -18.77 34.23
C GLY C 100 16.97 -18.59 34.21
N HIS C 101 16.43 -18.29 33.04
CA HIS C 101 15.00 -18.10 32.88
C HIS C 101 14.27 -19.42 32.68
N ALA C 102 12.97 -19.35 32.43
CA ALA C 102 12.17 -20.53 32.14
C ALA C 102 10.98 -20.16 31.27
N PHE C 103 10.46 -21.14 30.52
CA PHE C 103 9.45 -20.88 29.51
C PHE C 103 8.05 -20.66 30.10
N VAL C 104 7.60 -19.41 30.08
CA VAL C 104 6.23 -19.07 30.47
C VAL C 104 5.48 -18.56 29.24
N PRO C 105 4.45 -19.31 28.82
CA PRO C 105 3.71 -19.01 27.58
C PRO C 105 2.62 -17.96 27.76
N TYR C 106 2.81 -17.06 28.72
CA TYR C 106 1.89 -15.94 28.89
C TYR C 106 2.64 -14.61 28.74
N TYR C 107 3.94 -14.71 28.50
CA TYR C 107 4.76 -13.55 28.24
C TYR C 107 4.19 -12.75 27.08
N LYS C 108 3.97 -11.46 27.29
CA LYS C 108 3.49 -10.60 26.21
C LYS C 108 4.51 -10.53 25.08
N GLU C 109 4.02 -10.51 23.85
CA GLU C 109 4.90 -10.48 22.68
C GLU C 109 5.84 -9.29 22.73
N SER C 110 5.29 -8.11 23.03
CA SER C 110 6.06 -6.89 23.11
C SER C 110 7.13 -6.92 24.22
N ILE C 111 6.99 -7.86 25.15
CA ILE C 111 8.00 -8.02 26.19
C ILE C 111 9.22 -8.75 25.63
N VAL C 112 8.96 -9.83 24.89
CA VAL C 112 10.03 -10.60 24.24
C VAL C 112 10.76 -9.74 23.21
N LEU C 113 10.05 -8.77 22.63
CA LEU C 113 10.64 -7.84 21.67
C LEU C 113 11.80 -7.10 22.34
N ARG C 114 11.49 -6.44 23.45
CA ARG C 114 12.48 -5.71 24.23
C ARG C 114 13.62 -6.62 24.70
N ARG C 115 13.25 -7.80 25.19
CA ARG C 115 14.23 -8.71 25.79
C ARG C 115 15.18 -9.33 24.76
N LEU C 116 14.80 -9.30 23.49
CA LEU C 116 15.61 -9.90 22.44
C LEU C 116 16.44 -8.89 21.65
N PHE C 117 15.90 -7.69 21.49
CA PHE C 117 16.51 -6.68 20.62
C PHE C 117 16.99 -5.43 21.35
N THR C 118 17.47 -5.61 22.57
CA THR C 118 17.98 -4.48 23.34
C THR C 118 19.48 -4.58 23.57
N VAL C 119 20.19 -3.58 23.08
CA VAL C 119 21.64 -3.54 23.22
C VAL C 119 22.03 -2.93 24.57
N ASP C 120 22.75 -3.69 25.38
CA ASP C 120 23.20 -3.19 26.68
C ASP C 120 24.07 -1.96 26.48
N PRO C 121 23.69 -0.85 27.12
CA PRO C 121 24.37 0.44 26.97
C PRO C 121 25.87 0.33 27.22
N ASN C 122 26.27 -0.58 28.10
CA ASN C 122 27.67 -0.68 28.51
C ASN C 122 28.50 -1.66 27.69
N THR C 123 27.97 -2.86 27.44
CA THR C 123 28.71 -3.88 26.72
C THR C 123 28.48 -3.79 25.21
N PHE C 124 27.53 -2.96 24.80
CA PHE C 124 27.19 -2.80 23.39
C PHE C 124 26.90 -4.14 22.70
N ASN C 125 26.45 -5.11 23.49
CA ASN C 125 26.11 -6.42 22.95
C ASN C 125 24.63 -6.73 23.12
N LEU C 126 24.17 -7.77 22.42
CA LEU C 126 22.76 -8.12 22.41
C LEU C 126 22.38 -8.94 23.64
N SER C 127 21.10 -8.91 23.99
CA SER C 127 20.61 -9.61 25.18
C SER C 127 20.09 -11.01 24.85
N ARG C 128 20.84 -12.03 25.26
CA ARG C 128 20.48 -13.41 24.97
C ARG C 128 19.35 -13.93 25.83
N PHE C 129 18.13 -13.88 25.30
CA PHE C 129 16.96 -14.44 25.97
C PHE C 129 16.86 -15.92 25.62
N ALA C 130 17.90 -16.68 25.98
CA ALA C 130 18.03 -18.08 25.60
C ALA C 130 16.74 -18.88 25.69
N ALA C 131 15.87 -18.53 26.63
CA ALA C 131 14.63 -19.26 26.84
C ALA C 131 13.72 -19.27 25.61
N PHE C 132 13.87 -18.25 24.77
CA PHE C 132 13.10 -18.16 23.54
C PHE C 132 13.99 -18.30 22.30
N GLU C 133 15.28 -18.53 22.53
CA GLU C 133 16.24 -18.68 21.44
C GLU C 133 15.83 -19.82 20.50
N GLY C 134 15.41 -20.93 21.08
CA GLY C 134 15.01 -22.10 20.31
C GLY C 134 13.62 -21.97 19.70
N PRO C 135 12.59 -21.83 20.57
CA PRO C 135 11.19 -21.77 20.16
C PRO C 135 10.89 -20.63 19.17
N CYS C 136 11.79 -19.67 19.04
CA CYS C 136 11.58 -18.54 18.14
C CYS C 136 11.98 -18.90 16.71
N GLN C 137 13.11 -19.58 16.57
CA GLN C 137 13.61 -19.98 15.27
C GLN C 137 12.60 -20.85 14.54
N LEU C 138 11.88 -21.68 15.30
CA LEU C 138 10.87 -22.57 14.73
C LEU C 138 9.66 -21.78 14.23
N TYR C 139 9.40 -20.64 14.85
CA TYR C 139 8.24 -19.82 14.50
C TYR C 139 8.44 -19.04 13.20
N CYS C 140 9.59 -18.41 13.05
CA CYS C 140 9.89 -17.67 11.82
C CYS C 140 9.97 -18.61 10.62
N ALA C 141 10.47 -19.83 10.87
CA ALA C 141 10.51 -20.84 9.83
C ALA C 141 9.12 -21.15 9.33
N ALA C 142 8.13 -20.94 10.20
CA ALA C 142 6.74 -21.19 9.87
C ALA C 142 6.22 -20.23 8.80
N HIS C 143 6.32 -18.93 9.06
CA HIS C 143 5.88 -17.93 8.11
C HIS C 143 6.64 -16.62 8.29
N ALA C 144 7.02 -15.99 7.18
CA ALA C 144 7.88 -14.81 7.22
C ALA C 144 7.24 -13.55 6.65
N ASP C 145 5.91 -13.51 6.58
CA ASP C 145 5.22 -12.27 6.27
C ASP C 145 4.54 -11.78 7.54
N SER C 146 4.72 -12.54 8.60
CA SER C 146 4.26 -12.15 9.92
C SER C 146 4.85 -10.81 10.31
N ALA C 147 3.99 -9.87 10.71
CA ALA C 147 4.42 -8.53 11.10
C ALA C 147 5.59 -8.59 12.08
N TRP C 148 5.71 -9.70 12.79
CA TRP C 148 6.82 -9.91 13.72
C TRP C 148 8.18 -9.92 13.02
N VAL C 149 8.29 -10.69 11.94
CA VAL C 149 9.54 -10.79 11.19
C VAL C 149 9.90 -9.49 10.47
N LYS C 150 8.86 -8.73 10.09
CA LYS C 150 9.06 -7.43 9.48
C LYS C 150 9.70 -6.47 10.48
N ILE C 151 9.56 -6.79 11.76
CA ILE C 151 10.15 -5.98 12.82
C ILE C 151 11.52 -6.56 13.23
N GLN C 152 11.63 -7.88 13.22
CA GLN C 152 12.87 -8.55 13.58
C GLN C 152 14.03 -8.17 12.67
N THR C 153 13.91 -8.49 11.39
CA THR C 153 14.96 -8.18 10.42
C THR C 153 15.24 -6.68 10.39
N LEU C 154 14.25 -5.88 10.77
CA LEU C 154 14.43 -4.42 10.80
C LEU C 154 15.27 -3.99 12.00
N LEU C 155 15.02 -4.60 13.15
CA LEU C 155 15.78 -4.28 14.36
C LEU C 155 17.12 -5.01 14.36
N THR C 156 17.19 -6.13 13.65
CA THR C 156 18.45 -6.83 13.47
C THR C 156 19.40 -6.01 12.59
N LEU C 157 18.81 -5.18 11.73
CA LEU C 157 19.57 -4.25 10.91
C LEU C 157 20.11 -3.10 11.77
N GLY C 158 19.27 -2.59 12.65
CA GLY C 158 19.67 -1.54 13.57
C GLY C 158 20.83 -2.00 14.44
N ASN C 159 20.81 -3.28 14.80
CA ASN C 159 21.89 -3.86 15.57
C ASN C 159 23.14 -4.07 14.72
N GLY C 160 22.94 -4.58 13.50
CA GLY C 160 24.04 -4.75 12.57
C GLY C 160 24.71 -3.43 12.24
N ILE C 161 23.90 -2.38 12.15
CA ILE C 161 24.40 -1.03 11.93
C ILE C 161 25.32 -0.60 13.07
N ILE C 162 24.93 -0.93 14.29
CA ILE C 162 25.72 -0.61 15.47
C ILE C 162 27.00 -1.43 15.48
N ASN C 163 26.88 -2.71 15.14
CA ASN C 163 28.04 -3.59 15.11
C ASN C 163 29.07 -3.13 14.08
N THR C 164 28.60 -2.77 12.88
CA THR C 164 29.49 -2.27 11.83
C THR C 164 30.21 -1.00 12.28
N LEU C 165 29.48 -0.09 12.94
CA LEU C 165 30.06 1.15 13.44
C LEU C 165 31.09 0.88 14.52
N LYS C 166 30.93 -0.22 15.25
CA LYS C 166 31.91 -0.59 16.26
C LYS C 166 33.18 -1.09 15.58
N ILE C 167 33.01 -1.81 14.46
CA ILE C 167 34.15 -2.31 13.70
C ILE C 167 34.92 -1.19 13.01
N ILE C 168 34.19 -0.19 12.51
CA ILE C 168 34.84 0.94 11.82
C ILE C 168 35.69 1.75 12.79
N LYS C 169 35.15 2.04 13.97
CA LYS C 169 35.88 2.79 14.98
C LYS C 169 37.14 2.03 15.38
N GLN C 170 37.01 0.73 15.56
CA GLN C 170 38.15 -0.09 15.95
C GLN C 170 39.20 -0.13 14.84
N ALA C 171 38.74 -0.14 13.60
CA ALA C 171 39.64 -0.24 12.45
C ALA C 171 40.48 1.03 12.29
N GLN C 172 39.86 2.18 12.49
CA GLN C 172 40.59 3.44 12.49
C GLN C 172 41.64 3.46 13.59
N ALA C 173 41.23 3.09 14.80
CA ALA C 173 42.11 3.10 15.96
C ALA C 173 43.46 2.46 15.66
N PHE C 174 43.45 1.41 14.84
CA PHE C 174 44.68 0.70 14.52
C PHE C 174 45.19 1.01 13.11
N GLY C 175 44.58 1.98 12.44
CA GLY C 175 45.02 2.41 11.12
C GLY C 175 44.92 1.32 10.07
N ILE C 176 43.87 0.50 10.17
CA ILE C 176 43.62 -0.55 9.18
C ILE C 176 42.63 -0.04 8.15
N ASP C 177 43.12 0.77 7.22
CA ASP C 177 42.27 1.50 6.29
C ASP C 177 41.42 0.60 5.38
N GLU C 178 41.98 -0.55 5.00
CA GLU C 178 41.26 -1.48 4.14
C GLU C 178 39.97 -1.95 4.80
N ALA C 179 40.01 -2.11 6.12
CA ALA C 179 38.83 -2.53 6.87
C ALA C 179 37.83 -1.39 7.01
N VAL C 180 38.34 -0.16 7.10
CA VAL C 180 37.49 1.00 7.27
C VAL C 180 36.69 1.27 5.99
N THR C 181 37.38 1.24 4.85
CA THR C 181 36.75 1.50 3.57
C THR C 181 35.81 0.36 3.17
N GLU C 182 36.16 -0.86 3.58
CA GLU C 182 35.35 -2.03 3.25
C GLU C 182 34.05 -2.04 4.04
N ASN C 183 34.13 -1.60 5.30
CA ASN C 183 32.96 -1.56 6.17
C ASN C 183 32.08 -0.33 5.95
N LEU C 184 32.56 0.59 5.12
CA LEU C 184 31.73 1.71 4.69
C LEU C 184 30.78 1.22 3.60
N LYS C 185 31.24 0.24 2.83
CA LYS C 185 30.41 -0.39 1.82
C LYS C 185 29.24 -1.13 2.48
N ALA C 186 29.56 -1.93 3.49
CA ALA C 186 28.54 -2.67 4.23
C ALA C 186 27.65 -1.73 5.02
N LEU C 187 28.23 -0.63 5.51
CA LEU C 187 27.49 0.36 6.26
C LEU C 187 26.44 1.02 5.37
N LYS C 188 26.79 1.21 4.10
CA LYS C 188 25.87 1.81 3.13
C LYS C 188 24.73 0.87 2.77
N GLU C 189 25.06 -0.42 2.63
CA GLU C 189 24.07 -1.44 2.31
C GLU C 189 23.04 -1.58 3.43
N GLN C 190 23.53 -1.74 4.65
CA GLN C 190 22.66 -1.88 5.81
C GLN C 190 21.82 -0.63 6.03
N PHE C 191 22.37 0.53 5.70
CA PHE C 191 21.63 1.78 5.75
C PHE C 191 20.43 1.72 4.80
N ILE C 192 20.68 1.37 3.55
CA ILE C 192 19.65 1.29 2.53
C ILE C 192 18.60 0.22 2.85
N ALA C 193 19.08 -0.93 3.31
CA ALA C 193 18.19 -2.04 3.66
C ALA C 193 17.27 -1.65 4.82
N PHE C 194 17.79 -0.80 5.70
CA PHE C 194 17.02 -0.32 6.84
C PHE C 194 15.94 0.65 6.37
N GLN C 195 16.28 1.49 5.39
CA GLN C 195 15.33 2.42 4.81
C GLN C 195 14.08 1.68 4.38
N LEU C 196 14.27 0.56 3.67
CA LEU C 196 13.18 -0.20 3.10
C LEU C 196 12.34 -0.98 4.12
N ALA C 197 13.02 -1.69 5.02
CA ALA C 197 12.32 -2.46 6.04
C ALA C 197 11.51 -1.54 6.95
N GLU C 198 11.92 -0.29 7.02
CA GLU C 198 11.23 0.71 7.83
C GLU C 198 9.91 1.11 7.21
N ALA C 199 9.89 1.24 5.89
CA ALA C 199 8.68 1.58 5.17
C ALA C 199 7.80 0.35 4.97
N ASP C 200 8.44 -0.82 4.94
CA ASP C 200 7.73 -2.07 4.73
C ASP C 200 6.80 -2.42 5.89
N ILE C 201 7.30 -2.26 7.10
CA ILE C 201 6.55 -2.63 8.30
C ILE C 201 5.38 -1.68 8.57
N LYS C 202 5.47 -0.46 8.06
CA LYS C 202 4.48 0.59 8.34
C LYS C 202 3.04 0.09 8.22
N GLU C 203 2.75 -0.66 7.16
CA GLU C 203 1.41 -1.19 6.93
C GLU C 203 1.04 -2.25 7.97
N SER C 204 2.01 -3.06 8.36
CA SER C 204 1.78 -4.17 9.28
C SER C 204 1.72 -3.70 10.74
N LEU C 205 1.83 -2.39 10.95
CA LEU C 205 1.70 -1.80 12.28
C LEU C 205 0.28 -1.29 12.49
N LYS C 206 -0.49 -1.24 11.40
CA LYS C 206 -1.89 -0.86 11.47
C LYS C 206 -2.67 -1.88 12.28
N ALA C 207 -3.65 -1.40 13.05
CA ALA C 207 -4.42 -2.27 13.94
C ALA C 207 -5.51 -3.03 13.22
N PRO C 208 -5.80 -4.26 13.70
CA PRO C 208 -6.95 -5.05 13.25
C PRO C 208 -8.25 -4.29 13.52
N SER C 209 -9.27 -4.52 12.68
CA SER C 209 -10.51 -3.78 12.79
C SER C 209 -11.56 -4.46 13.67
N PHE C 210 -11.33 -5.73 14.01
CA PHE C 210 -12.34 -6.50 14.73
C PHE C 210 -11.80 -7.19 15.98
N ALA C 211 -10.67 -6.71 16.48
CA ALA C 211 -10.03 -7.31 17.64
C ALA C 211 -10.34 -6.56 18.92
N GLU C 212 -10.50 -7.30 20.01
CA GLU C 212 -10.71 -6.71 21.32
C GLU C 212 -9.42 -6.72 22.12
N PRO C 213 -9.01 -5.56 22.63
CA PRO C 213 -7.81 -5.43 23.47
C PRO C 213 -8.09 -5.84 24.92
N LEU C 214 -7.32 -6.80 25.42
CA LEU C 214 -7.43 -7.22 26.81
C LEU C 214 -6.70 -6.25 27.73
N PRO C 215 -7.36 -5.85 28.82
CA PRO C 215 -6.80 -4.88 29.78
C PRO C 215 -5.68 -5.48 30.62
N ASN C 216 -5.93 -6.65 31.22
CA ASN C 216 -4.95 -7.30 32.07
C ASN C 216 -4.32 -6.34 33.07
N LYS C 217 -5.11 -5.84 34.00
CA LYS C 217 -4.63 -4.88 34.97
C LYS C 217 -3.76 -5.56 36.01
N GLU C 218 -3.89 -6.87 36.10
CA GLU C 218 -3.11 -7.65 37.07
C GLU C 218 -1.59 -7.53 36.85
N SER C 219 -1.15 -7.55 35.60
CA SER C 219 0.27 -7.50 35.30
C SER C 219 0.60 -6.49 34.21
N GLU C 220 1.88 -6.35 33.88
CA GLU C 220 2.29 -5.51 32.76
C GLU C 220 3.35 -6.23 31.93
N PHE C 221 3.68 -7.44 32.34
CA PHE C 221 4.61 -8.28 31.61
C PHE C 221 3.92 -9.53 31.08
N PHE C 222 2.61 -9.62 31.33
CA PHE C 222 1.87 -10.84 31.02
C PHE C 222 0.47 -10.59 30.48
N TYR C 223 -0.01 -11.53 29.66
CA TYR C 223 -1.43 -11.65 29.38
C TYR C 223 -2.04 -12.31 30.61
N PRO C 224 -3.35 -12.12 30.82
CA PRO C 224 -4.02 -12.69 32.00
C PRO C 224 -3.90 -14.21 32.07
N ILE C 225 -3.02 -14.69 32.94
CA ILE C 225 -2.95 -16.09 33.29
C ILE C 225 -3.78 -16.27 34.54
N ASP C 226 -4.35 -17.46 34.69
CA ASP C 226 -5.29 -17.68 35.80
C ASP C 226 -5.15 -19.00 36.52
N GLU C 227 -5.80 -19.06 37.69
CA GLU C 227 -5.76 -20.19 38.60
C GLU C 227 -5.78 -21.53 37.88
N LYS C 228 -6.70 -21.68 36.95
CA LYS C 228 -6.79 -22.92 36.19
C LYS C 228 -5.47 -23.13 35.47
N ALA C 229 -4.92 -22.05 34.95
CA ALA C 229 -3.65 -22.10 34.21
C ALA C 229 -2.46 -22.37 35.11
N LEU C 230 -2.36 -21.60 36.19
CA LEU C 230 -1.20 -21.66 37.08
C LEU C 230 -0.93 -23.08 37.59
N ALA C 231 -1.99 -23.75 38.03
CA ALA C 231 -1.87 -25.06 38.64
C ALA C 231 -0.98 -25.96 37.80
N LYS C 232 -1.12 -25.83 36.49
CA LYS C 232 -0.34 -26.63 35.55
C LYS C 232 1.14 -26.27 35.57
N MET C 233 1.43 -25.00 35.82
CA MET C 233 2.77 -24.47 35.58
C MET C 233 3.82 -25.06 36.51
N ASN C 234 4.91 -25.52 35.92
CA ASN C 234 6.03 -26.06 36.68
C ASN C 234 6.49 -25.02 37.68
N GLY C 235 7.02 -25.47 38.81
CA GLY C 235 7.41 -24.54 39.85
C GLY C 235 8.30 -23.45 39.28
N TYR C 236 9.19 -23.85 38.38
CA TYR C 236 10.18 -22.94 37.81
C TYR C 236 9.52 -21.74 37.14
N GLN C 237 8.51 -22.03 36.31
CA GLN C 237 7.78 -20.99 35.60
C GLN C 237 7.01 -20.11 36.57
N LEU C 238 6.68 -20.69 37.72
CA LEU C 238 6.05 -19.93 38.79
C LEU C 238 7.06 -18.96 39.37
N ALA C 239 8.30 -19.44 39.51
CA ALA C 239 9.39 -18.62 40.00
C ALA C 239 9.70 -17.50 39.00
N THR C 240 9.75 -17.85 37.72
CA THR C 240 10.12 -16.90 36.68
C THR C 240 9.13 -15.75 36.59
N ILE C 241 7.85 -16.05 36.78
CA ILE C 241 6.83 -15.02 36.72
C ILE C 241 6.94 -14.06 37.90
N CYS C 242 7.26 -14.58 39.08
CA CYS C 242 7.49 -13.75 40.25
C CYS C 242 8.73 -12.90 40.06
N LEU C 243 9.83 -13.55 39.72
CA LEU C 243 11.10 -12.88 39.47
C LEU C 243 10.93 -11.82 38.39
N GLU C 244 10.01 -12.07 37.46
CA GLU C 244 9.71 -11.11 36.41
C GLU C 244 8.88 -9.97 36.98
N GLU C 245 7.84 -10.34 37.73
CA GLU C 245 6.91 -9.37 38.33
C GLU C 245 7.58 -8.37 39.26
N LEU C 246 8.77 -8.71 39.77
CA LEU C 246 9.51 -7.80 40.63
C LEU C 246 10.14 -6.64 39.84
N ASN C 247 10.12 -6.75 38.52
CA ASN C 247 10.66 -5.68 37.67
C ASN C 247 9.71 -4.49 37.57
N SER C 248 8.62 -4.54 38.34
CA SER C 248 7.64 -3.46 38.35
C SER C 248 7.65 -2.75 39.70
N PRO C 249 7.57 -1.41 39.67
CA PRO C 249 7.73 -0.55 40.86
C PRO C 249 6.94 -1.02 42.07
N LYS C 250 5.62 -0.99 42.00
CA LYS C 250 4.78 -1.44 43.11
C LYS C 250 4.47 -2.92 42.98
N PRO C 251 4.11 -3.55 44.11
CA PRO C 251 3.71 -4.96 44.11
C PRO C 251 2.55 -5.15 43.17
N SER C 252 2.55 -6.25 42.42
CA SER C 252 1.55 -6.48 41.38
C SER C 252 0.42 -7.37 41.86
N PRO C 253 -0.82 -7.03 41.49
CA PRO C 253 -1.99 -7.84 41.82
C PRO C 253 -1.76 -9.27 41.38
N LEU C 254 -1.05 -9.41 40.27
CA LEU C 254 -0.72 -10.72 39.76
C LEU C 254 0.11 -11.42 40.82
N ILE C 255 1.24 -10.79 41.16
CA ILE C 255 2.21 -11.38 42.08
C ILE C 255 1.59 -11.81 43.42
N GLU C 256 0.78 -10.93 43.99
CA GLU C 256 0.11 -11.24 45.25
C GLU C 256 -0.63 -12.56 45.16
N ARG C 257 -1.49 -12.68 44.16
CA ARG C 257 -2.30 -13.88 43.96
C ARG C 257 -1.44 -15.14 44.01
N ILE C 258 -0.41 -15.18 43.18
CA ILE C 258 0.46 -16.34 43.15
C ILE C 258 1.00 -16.64 44.54
N LEU C 259 1.45 -15.59 45.22
CA LEU C 259 2.10 -15.74 46.52
C LEU C 259 1.15 -16.26 47.61
N SER C 260 -0.02 -15.65 47.72
CA SER C 260 -0.97 -15.99 48.77
C SER C 260 -1.30 -17.47 48.79
N ASN C 261 -1.86 -17.95 47.69
CA ASN C 261 -2.25 -19.36 47.59
C ASN C 261 -1.11 -20.30 47.99
N LYS C 262 -1.26 -20.90 49.17
CA LYS C 262 -0.24 -21.79 49.72
C LYS C 262 0.04 -22.98 48.80
N LYS C 263 -0.95 -23.36 48.02
CA LYS C 263 -0.86 -24.53 47.15
C LYS C 263 0.35 -24.49 46.22
N PHE C 264 0.72 -23.29 45.78
CA PHE C 264 1.81 -23.14 44.82
C PHE C 264 3.20 -23.16 45.48
N TRP C 265 3.31 -22.53 46.65
CA TRP C 265 4.60 -22.30 47.27
C TRP C 265 5.48 -23.54 47.43
N LYS C 266 4.86 -24.66 47.79
CA LYS C 266 5.61 -25.90 48.01
C LYS C 266 6.60 -26.19 46.89
N ARG C 267 6.24 -25.80 45.66
CA ARG C 267 7.07 -26.08 44.49
C ARG C 267 7.98 -24.90 44.12
N ILE C 268 7.45 -23.68 44.23
CA ILE C 268 8.19 -22.49 43.84
C ILE C 268 9.45 -22.29 44.68
N ASN C 269 9.49 -22.89 45.85
CA ASN C 269 10.65 -22.76 46.73
C ASN C 269 11.78 -23.70 46.36
N SER C 270 11.44 -24.86 45.79
CA SER C 270 12.45 -25.80 45.35
C SER C 270 13.22 -25.27 44.14
N ALA C 271 12.53 -24.51 43.29
CA ALA C 271 13.17 -23.86 42.15
C ALA C 271 14.23 -22.87 42.64
N PHE C 272 13.98 -22.28 43.81
CA PHE C 272 14.93 -21.38 44.43
C PHE C 272 16.09 -22.17 45.02
N GLU C 273 15.77 -23.29 45.67
CA GLU C 273 16.78 -24.13 46.30
C GLU C 273 17.67 -24.82 45.27
N SER C 274 17.14 -24.95 44.05
CA SER C 274 17.85 -25.65 42.98
C SER C 274 19.21 -25.02 42.69
N GLY C 275 19.26 -23.68 42.68
CA GLY C 275 20.47 -22.97 42.32
C GLY C 275 20.54 -22.72 40.83
N VAL C 276 19.45 -23.02 40.14
CA VAL C 276 19.36 -22.83 38.70
C VAL C 276 19.32 -21.35 38.34
N PHE C 277 19.03 -20.51 39.34
CA PHE C 277 18.95 -19.07 39.14
C PHE C 277 20.22 -18.39 39.60
N LYS C 278 21.20 -19.20 40.00
CA LYS C 278 22.48 -18.70 40.51
C LYS C 278 22.99 -17.49 39.71
N GLY C 279 22.77 -17.51 38.40
CA GLY C 279 23.21 -16.44 37.54
C GLY C 279 22.12 -15.91 36.64
N ARG C 280 21.68 -14.69 36.90
CA ARG C 280 20.64 -14.07 36.07
C ARG C 280 20.94 -12.61 35.76
N THR C 281 21.96 -12.05 36.40
CA THR C 281 22.28 -10.63 36.24
C THR C 281 21.14 -9.80 36.80
N ASP C 282 20.15 -10.49 37.36
CA ASP C 282 18.92 -9.88 37.81
C ASP C 282 18.96 -9.72 39.33
N ASP C 283 20.11 -10.02 39.92
CA ASP C 283 20.23 -10.05 41.37
C ASP C 283 19.20 -11.01 41.94
N PRO C 284 19.33 -12.29 41.59
CA PRO C 284 18.38 -13.33 41.99
C PRO C 284 18.40 -13.57 43.51
N ALA C 285 19.59 -13.57 44.09
CA ALA C 285 19.74 -13.77 45.53
C ALA C 285 18.94 -12.74 46.32
N GLY C 286 18.86 -11.52 45.78
CA GLY C 286 18.07 -10.46 46.38
C GLY C 286 16.59 -10.63 46.07
N LYS C 287 16.28 -10.99 44.82
CA LYS C 287 14.90 -11.21 44.42
C LYS C 287 14.28 -12.41 45.14
N ILE C 288 15.07 -13.47 45.29
CA ILE C 288 14.62 -14.66 46.00
C ILE C 288 14.34 -14.31 47.47
N ALA C 289 15.19 -13.47 48.03
CA ALA C 289 15.01 -13.02 49.42
C ALA C 289 13.69 -12.27 49.57
N LYS C 290 13.46 -11.29 48.69
CA LYS C 290 12.23 -10.51 48.74
C LYS C 290 11.00 -11.36 48.50
N ILE C 291 11.14 -12.39 47.66
CA ILE C 291 10.03 -13.28 47.35
C ILE C 291 9.58 -14.01 48.61
N ARG C 292 10.52 -14.65 49.29
CA ARG C 292 10.24 -15.38 50.52
C ARG C 292 9.68 -14.44 51.58
N GLU C 293 10.21 -13.22 51.63
CA GLU C 293 9.74 -12.22 52.56
C GLU C 293 8.28 -11.89 52.29
N TRP C 294 7.95 -11.66 51.02
CA TRP C 294 6.59 -11.35 50.64
C TRP C 294 5.64 -12.52 50.92
N HIS C 295 6.21 -13.73 50.98
CA HIS C 295 5.43 -14.93 51.27
C HIS C 295 5.02 -14.99 52.75
N GLN C 296 5.96 -14.63 53.61
CA GLN C 296 5.75 -14.69 55.06
C GLN C 296 4.75 -13.63 55.54
N LEU C 297 4.88 -12.43 55.00
CA LEU C 297 3.99 -11.32 55.34
C LEU C 297 2.54 -11.63 54.98
N LEU C 298 2.34 -12.67 54.18
CA LEU C 298 1.00 -13.06 53.72
C LEU C 298 0.49 -14.32 54.41
N GLN C 299 1.38 -15.25 54.72
CA GLN C 299 1.02 -16.48 55.39
C GLN C 299 0.56 -16.22 56.82
N ILE C 300 0.74 -15.00 57.29
CA ILE C 300 0.31 -14.61 58.63
C ILE C 300 -1.21 -14.60 58.73
N SER C 301 -1.84 -13.75 57.93
CA SER C 301 -3.30 -13.65 57.91
C SER C 301 -3.90 -14.55 56.84
C1 PEG D . 11.23 25.38 -18.99
O1 PEG D . 10.94 25.21 -20.28
C2 PEG D . 11.73 24.11 -18.44
O2 PEG D . 12.18 24.32 -17.14
C3 PEG D . 13.02 23.34 -16.55
C4 PEG D . 13.22 23.66 -15.10
O4 PEG D . 14.26 22.90 -14.61
H11 PEG D . 11.92 26.07 -18.90
H12 PEG D . 10.39 25.67 -18.49
HO1 PEG D . 10.91 25.97 -20.65
H21 PEG D . 10.98 23.43 -18.43
H22 PEG D . 12.48 23.77 -19.02
H31 PEG D . 12.60 22.46 -16.63
H32 PEG D . 13.91 23.34 -17.01
H41 PEG D . 13.42 24.58 -15.01
H42 PEG D . 12.38 23.45 -14.60
HO4 PEG D . 14.57 23.29 -13.84
#